data_4KZ5
#
_entry.id   4KZ5
#
_cell.length_a   118.080
_cell.length_b   76.860
_cell.length_c   97.710
_cell.angle_alpha   90.000
_cell.angle_beta   116.260
_cell.angle_gamma   90.000
#
_symmetry.space_group_name_H-M   'C 1 2 1'
#
loop_
_entity.id
_entity.type
_entity.pdbx_description
1 polymer Beta-lactamase
2 non-polymer N-{[3-(2-chlorophenyl)-5-methyl-1,2-oxazol-4-yl]carbonyl}glycine
3 non-polymer 'PHOSPHATE ION'
4 water water
#
_entity_poly.entity_id   1
_entity_poly.type   'polypeptide(L)'
_entity_poly.pdbx_seq_one_letter_code
;APQQINDIVHRTITPLIEQQKIPGMAVAVIYQGKPYYFTWGYADIAKKQPVTQQTLFELGSVSKTFTGVLGGDAIARGEI
KLSDPTTKYWPELTAKQWNGITLLHLATYTAGGLPLQVPDEVKSSSDLLRFYQNWQPAWAPGTQRLYANSSIGLFGALAV
KPSGLSFEQAMQTRVFQPLKLNHTWINVPPAEEKNYAWGYREGKAVHVSPGALDAEAYGVKSTIEDMARWVQSNLKPLDI
NEKTLQQGIQLAQSRYWQTGDMYQGLGWEMLDWPVNPDSIINGSDNKIALAARPVKAITPPTPAVRASWVHKTGATGGFG
SYVAFIPEKELGIVMLANKNYPNPARVDAAWQILNALQ
;
_entity_poly.pdbx_strand_id   A,B
#
loop_
_chem_comp.id
_chem_comp.type
_chem_comp.name
_chem_comp.formula
1U3 non-polymer N-{[3-(2-chlorophenyl)-5-methyl-1,2-oxazol-4-yl]carbonyl}glycine 'C13 H11 Cl N2 O4'
PO4 non-polymer 'PHOSPHATE ION' 'O4 P -3'
#
# COMPACT_ATOMS: atom_id res chain seq x y z
N ALA A 1 21.30 -27.81 13.99
CA ALA A 1 20.30 -27.67 12.95
C ALA A 1 19.75 -29.05 12.54
N PRO A 2 18.49 -29.08 12.06
CA PRO A 2 17.96 -30.28 11.42
C PRO A 2 18.95 -30.73 10.34
N GLN A 3 19.14 -32.03 10.23
CA GLN A 3 20.15 -32.55 9.33
C GLN A 3 19.93 -32.11 7.87
N GLN A 4 18.67 -31.96 7.47
CA GLN A 4 18.35 -31.55 6.11
C GLN A 4 18.94 -30.18 5.81
N ILE A 5 18.78 -29.25 6.75
CA ILE A 5 19.30 -27.91 6.54
C ILE A 5 20.82 -27.95 6.56
N ASN A 6 21.38 -28.64 7.55
CA ASN A 6 22.82 -28.77 7.65
C ASN A 6 23.40 -29.25 6.33
N ASP A 7 22.82 -30.34 5.80
CA ASP A 7 23.37 -30.95 4.61
C ASP A 7 23.25 -30.08 3.38
N ILE A 8 22.09 -29.50 3.15
CA ILE A 8 21.97 -28.70 1.94
CA ILE A 8 21.83 -28.65 2.01
C ILE A 8 22.79 -27.42 2.03
N VAL A 9 22.91 -26.82 3.22
CA VAL A 9 23.75 -25.63 3.31
C VAL A 9 25.22 -26.02 3.12
N HIS A 10 25.69 -27.05 3.82
CA HIS A 10 27.11 -27.38 3.70
C HIS A 10 27.48 -27.87 2.30
N ARG A 11 26.61 -28.66 1.67
CA ARG A 11 26.92 -29.19 0.34
CA ARG A 11 26.97 -29.18 0.36
C ARG A 11 26.95 -28.12 -0.73
N THR A 12 26.31 -27.00 -0.45
CA THR A 12 26.24 -25.91 -1.41
C THR A 12 27.38 -24.93 -1.13
N ILE A 13 27.57 -24.59 0.13
CA ILE A 13 28.45 -23.49 0.46
C ILE A 13 29.93 -23.91 0.46
N THR A 14 30.22 -25.13 0.90
CA THR A 14 31.61 -25.55 0.91
C THR A 14 32.27 -25.47 -0.47
N PRO A 15 31.60 -26.04 -1.50
CA PRO A 15 32.19 -25.87 -2.84
C PRO A 15 32.26 -24.43 -3.29
N LEU A 16 31.29 -23.60 -2.90
CA LEU A 16 31.29 -22.21 -3.31
C LEU A 16 32.51 -21.50 -2.76
N ILE A 17 32.81 -21.76 -1.49
CA ILE A 17 33.95 -21.13 -0.84
C ILE A 17 35.25 -21.55 -1.51
N GLU A 18 35.35 -22.83 -1.87
CA GLU A 18 36.54 -23.33 -2.55
C GLU A 18 36.68 -22.71 -3.94
N GLN A 19 35.58 -22.68 -4.70
CA GLN A 19 35.66 -22.24 -6.08
C GLN A 19 35.95 -20.75 -6.14
N GLN A 20 35.39 -20.00 -5.20
CA GLN A 20 35.50 -18.55 -5.23
C GLN A 20 36.64 -18.01 -4.36
N LYS A 21 37.30 -18.90 -3.63
CA LYS A 21 38.39 -18.53 -2.73
C LYS A 21 37.96 -17.45 -1.74
N ILE A 22 36.83 -17.70 -1.13
CA ILE A 22 36.26 -16.75 -0.16
C ILE A 22 36.95 -16.93 1.18
N PRO A 23 37.52 -15.87 1.78
CA PRO A 23 38.24 -16.03 3.04
C PRO A 23 37.36 -16.40 4.22
N GLY A 24 36.17 -15.82 4.28
CA GLY A 24 35.28 -15.98 5.39
C GLY A 24 33.84 -15.79 4.94
N MET A 25 32.95 -16.55 5.52
CA MET A 25 31.56 -16.47 5.14
CA MET A 25 31.55 -16.51 5.11
C MET A 25 30.64 -16.82 6.29
N ALA A 26 29.48 -16.14 6.34
CA ALA A 26 28.42 -16.50 7.29
C ALA A 26 27.14 -16.67 6.50
N VAL A 27 26.35 -17.66 6.88
CA VAL A 27 25.08 -17.90 6.22
C VAL A 27 24.02 -18.08 7.32
N ALA A 28 22.84 -17.53 7.07
CA ALA A 28 21.66 -17.84 7.87
C ALA A 28 20.58 -18.35 6.97
N VAL A 29 19.95 -19.43 7.40
CA VAL A 29 18.74 -19.88 6.74
C VAL A 29 17.59 -19.68 7.71
N ILE A 30 16.52 -19.09 7.20
CA ILE A 30 15.29 -18.97 7.95
C ILE A 30 14.34 -20.01 7.40
N TYR A 31 13.95 -20.94 8.25
CA TYR A 31 13.16 -22.08 7.84
C TYR A 31 11.99 -22.13 8.79
N GLN A 32 10.78 -22.08 8.23
CA GLN A 32 9.55 -21.97 9.03
C GLN A 32 9.69 -20.86 10.07
N GLY A 33 10.30 -19.74 9.67
CA GLY A 33 10.43 -18.62 10.57
C GLY A 33 11.64 -18.61 11.52
N LYS A 34 12.31 -19.74 11.73
CA LYS A 34 13.42 -19.82 12.70
C LYS A 34 14.79 -19.76 12.01
N PRO A 35 15.77 -19.11 12.65
CA PRO A 35 17.08 -19.02 11.98
C PRO A 35 18.06 -20.11 12.36
N TYR A 36 18.86 -20.50 11.38
CA TYR A 36 19.95 -21.47 11.56
C TYR A 36 21.19 -20.87 10.93
N TYR A 37 22.28 -20.88 11.70
CA TYR A 37 23.48 -20.15 11.34
C TYR A 37 24.64 -21.06 11.03
N PHE A 38 25.49 -20.62 10.11
CA PHE A 38 26.65 -21.38 9.66
C PHE A 38 27.79 -20.41 9.41
N THR A 39 29.00 -20.75 9.79
CA THR A 39 30.14 -19.88 9.57
C THR A 39 31.35 -20.67 9.10
N TRP A 40 32.19 -20.02 8.30
CA TRP A 40 33.41 -20.61 7.78
C TRP A 40 34.53 -19.59 7.75
N GLY A 41 35.76 -20.02 7.96
CA GLY A 41 36.87 -19.19 7.57
C GLY A 41 37.12 -18.01 8.48
N TYR A 42 37.70 -16.99 7.87
CA TYR A 42 38.35 -15.91 8.62
C TYR A 42 37.75 -14.55 8.36
N ALA A 43 37.52 -13.82 9.44
CA ALA A 43 37.15 -12.40 9.39
C ALA A 43 38.39 -11.57 9.14
N ASP A 44 39.53 -12.02 9.67
CA ASP A 44 40.81 -11.30 9.56
C ASP A 44 41.88 -12.37 9.38
N ILE A 45 42.42 -12.50 8.17
CA ILE A 45 43.39 -13.54 7.87
C ILE A 45 44.66 -13.34 8.68
N ALA A 46 45.21 -12.12 8.67
CA ALA A 46 46.49 -11.88 9.32
C ALA A 46 46.45 -12.13 10.84
N LYS A 47 45.33 -11.76 11.47
CA LYS A 47 45.18 -11.90 12.92
C LYS A 47 44.49 -13.22 13.30
N LYS A 48 44.20 -14.05 12.29
CA LYS A 48 43.64 -15.39 12.50
C LYS A 48 42.31 -15.37 13.26
N GLN A 49 41.52 -14.33 12.99
CA GLN A 49 40.21 -14.20 13.64
C GLN A 49 39.18 -14.89 12.80
N PRO A 50 38.43 -15.84 13.40
CA PRO A 50 37.41 -16.57 12.67
C PRO A 50 36.15 -15.77 12.45
N VAL A 51 35.42 -16.12 11.41
CA VAL A 51 34.06 -15.64 11.30
C VAL A 51 33.21 -16.26 12.40
N THR A 52 32.44 -15.43 13.09
CA THR A 52 31.49 -15.90 14.09
C THR A 52 30.12 -15.29 13.81
N GLN A 53 29.15 -15.64 14.62
CA GLN A 53 27.81 -15.04 14.49
C GLN A 53 27.78 -13.58 14.86
N GLN A 54 28.89 -13.08 15.42
CA GLN A 54 29.01 -11.69 15.84
CA GLN A 54 29.00 -11.68 15.82
C GLN A 54 29.89 -10.88 14.88
N THR A 55 30.43 -11.52 13.85
CA THR A 55 31.26 -10.80 12.90
C THR A 55 30.44 -9.79 12.10
N LEU A 56 30.96 -8.57 11.97
CA LEU A 56 30.31 -7.56 11.11
C LEU A 56 30.85 -7.62 9.70
N PHE A 57 29.95 -7.63 8.72
CA PHE A 57 30.30 -7.59 7.30
C PHE A 57 29.74 -6.30 6.71
N GLU A 58 30.43 -5.76 5.72
CA GLU A 58 29.85 -4.69 4.90
C GLU A 58 28.76 -5.24 4.01
N LEU A 59 27.56 -4.68 4.11
CA LEU A 59 26.44 -5.13 3.30
C LEU A 59 26.44 -4.57 1.91
N GLY A 60 27.19 -3.49 1.67
CA GLY A 60 27.19 -2.89 0.36
C GLY A 60 25.77 -2.51 -0.04
N SER A 61 25.40 -2.82 -1.28
CA SER A 61 24.08 -2.43 -1.74
C SER A 61 22.89 -3.09 -1.07
N VAL A 62 23.10 -4.13 -0.26
CA VAL A 62 21.99 -4.62 0.56
C VAL A 62 21.51 -3.52 1.53
N SER A 63 22.39 -2.55 1.78
CA SER A 63 21.99 -1.37 2.54
C SER A 63 20.77 -0.67 1.95
N LYS A 64 20.57 -0.76 0.63
CA LYS A 64 19.44 -0.08 0.00
C LYS A 64 18.10 -0.61 0.51
N THR A 65 18.06 -1.85 1.00
CA THR A 65 16.83 -2.37 1.56
C THR A 65 16.47 -1.64 2.85
N PHE A 66 17.48 -1.29 3.64
CA PHE A 66 17.24 -0.50 4.84
C PHE A 66 16.78 0.90 4.45
N THR A 67 17.40 1.50 3.44
CA THR A 67 16.98 2.82 2.96
C THR A 67 15.54 2.79 2.47
N GLY A 68 15.19 1.74 1.71
CA GLY A 68 13.86 1.65 1.18
C GLY A 68 12.83 1.55 2.29
N VAL A 69 13.09 0.74 3.29
CA VAL A 69 12.19 0.57 4.43
C VAL A 69 12.10 1.85 5.26
N LEU A 70 13.23 2.52 5.48
CA LEU A 70 13.21 3.79 6.21
C LEU A 70 12.36 4.81 5.45
N GLY A 71 12.51 4.86 4.13
CA GLY A 71 11.67 5.71 3.32
C GLY A 71 10.21 5.32 3.43
N GLY A 72 9.92 4.00 3.35
CA GLY A 72 8.57 3.52 3.53
C GLY A 72 7.97 3.97 4.86
N ASP A 73 8.76 3.90 5.92
CA ASP A 73 8.32 4.35 7.23
C ASP A 73 8.01 5.86 7.22
N ALA A 74 8.82 6.65 6.52
CA ALA A 74 8.58 8.09 6.44
C ALA A 74 7.29 8.38 5.67
N ILE A 75 7.00 7.58 4.63
CA ILE A 75 5.74 7.70 3.92
C ILE A 75 4.57 7.37 4.88
N ALA A 76 4.69 6.24 5.57
CA ALA A 76 3.65 5.80 6.51
C ALA A 76 3.37 6.85 7.59
N ARG A 77 4.42 7.55 8.02
CA ARG A 77 4.30 8.61 9.02
C ARG A 77 3.65 9.88 8.45
N GLY A 78 3.54 9.96 7.14
CA GLY A 78 2.99 11.15 6.49
C GLY A 78 3.99 12.28 6.30
N GLU A 79 5.28 11.96 6.43
CA GLU A 79 6.35 12.95 6.32
C GLU A 79 6.69 13.26 4.87
N ILE A 80 6.58 12.25 4.01
CA ILE A 80 6.85 12.40 2.58
C ILE A 80 5.80 11.61 1.82
N LYS A 81 5.67 11.90 0.55
CA LYS A 81 4.91 11.07 -0.37
C LYS A 81 5.80 10.74 -1.56
N LEU A 82 5.69 9.53 -2.09
CA LEU A 82 6.51 9.17 -3.25
C LEU A 82 6.12 9.95 -4.49
N SER A 83 4.90 10.48 -4.51
CA SER A 83 4.43 11.26 -5.63
C SER A 83 4.94 12.71 -5.55
N ASP A 84 5.57 13.09 -4.45
CA ASP A 84 6.06 14.48 -4.30
C ASP A 84 7.22 14.75 -5.27
N PRO A 85 7.27 15.95 -5.84
CA PRO A 85 8.46 16.35 -6.59
C PRO A 85 9.69 16.40 -5.70
N THR A 86 10.84 16.02 -6.25
CA THR A 86 12.10 16.11 -5.54
C THR A 86 12.32 17.52 -4.99
N THR A 87 11.95 18.53 -5.78
CA THR A 87 12.17 19.91 -5.40
C THR A 87 11.37 20.34 -4.16
N LYS A 88 10.32 19.60 -3.79
CA LYS A 88 9.62 19.92 -2.55
C LYS A 88 10.53 19.82 -1.34
N TYR A 89 11.46 18.88 -1.39
CA TYR A 89 12.36 18.61 -0.28
C TYR A 89 13.73 19.23 -0.49
N TRP A 90 13.99 19.72 -1.69
CA TRP A 90 15.26 20.36 -1.98
C TRP A 90 14.99 21.52 -2.91
N PRO A 91 14.47 22.62 -2.35
CA PRO A 91 14.06 23.77 -3.17
C PRO A 91 15.20 24.36 -4.01
N GLU A 92 16.43 24.23 -3.54
CA GLU A 92 17.60 24.72 -4.26
C GLU A 92 17.86 23.99 -5.58
N LEU A 93 17.19 22.85 -5.75
CA LEU A 93 17.27 22.12 -7.01
CA LEU A 93 17.27 22.12 -7.02
C LEU A 93 16.39 22.79 -8.07
N THR A 94 16.83 23.93 -8.57
CA THR A 94 16.01 24.74 -9.45
C THR A 94 16.15 24.42 -10.93
N ALA A 95 17.13 23.61 -11.30
CA ALA A 95 17.34 23.38 -12.72
C ALA A 95 16.13 22.65 -13.34
N LYS A 96 15.80 23.01 -14.57
CA LYS A 96 14.53 22.64 -15.18
C LYS A 96 14.36 21.14 -15.43
N GLN A 97 15.46 20.39 -15.53
CA GLN A 97 15.35 18.97 -15.75
C GLN A 97 14.71 18.26 -14.56
N TRP A 98 14.70 18.89 -13.40
CA TRP A 98 14.09 18.29 -12.22
C TRP A 98 12.58 18.34 -12.22
N ASN A 99 12.00 19.15 -13.11
CA ASN A 99 10.56 19.19 -13.23
C ASN A 99 10.02 17.82 -13.62
N GLY A 100 9.16 17.28 -12.78
CA GLY A 100 8.60 15.97 -13.07
C GLY A 100 9.35 14.80 -12.47
N ILE A 101 10.50 15.02 -11.84
CA ILE A 101 11.23 13.94 -11.15
C ILE A 101 10.76 13.85 -9.70
N THR A 102 10.13 12.73 -9.36
CA THR A 102 9.54 12.57 -8.05
C THR A 102 10.41 11.71 -7.13
N LEU A 103 10.05 11.67 -5.85
CA LEU A 103 10.77 10.77 -4.95
C LEU A 103 10.67 9.32 -5.41
N LEU A 104 9.54 8.92 -6.00
CA LEU A 104 9.45 7.58 -6.55
C LEU A 104 10.56 7.32 -7.56
N HIS A 105 10.79 8.24 -8.46
CA HIS A 105 11.82 8.05 -9.47
C HIS A 105 13.17 7.89 -8.82
N LEU A 106 13.50 8.72 -7.83
CA LEU A 106 14.79 8.56 -7.15
C LEU A 106 14.91 7.19 -6.50
N ALA A 107 13.88 6.78 -5.79
CA ALA A 107 13.92 5.54 -5.04
C ALA A 107 14.07 4.31 -5.91
N THR A 108 13.64 4.38 -7.18
CA THR A 108 13.54 3.22 -8.04
C THR A 108 14.43 3.33 -9.27
N TYR A 109 15.36 4.28 -9.28
CA TYR A 109 16.37 4.39 -10.35
C TYR A 109 15.77 4.77 -11.69
N THR A 110 14.64 5.48 -11.67
CA THR A 110 13.92 5.80 -12.89
C THR A 110 13.88 7.29 -13.19
N ALA A 111 14.77 8.07 -12.57
CA ALA A 111 14.73 9.53 -12.78
C ALA A 111 15.16 9.97 -14.16
N GLY A 112 15.82 9.09 -14.91
CA GLY A 112 16.24 9.43 -16.26
C GLY A 112 17.74 9.35 -16.50
N GLY A 113 18.42 8.49 -15.74
CA GLY A 113 19.84 8.24 -15.98
C GLY A 113 20.76 8.88 -14.99
N LEU A 114 20.36 9.02 -13.73
CA LEU A 114 21.31 9.38 -12.68
C LEU A 114 22.41 8.30 -12.64
N PRO A 115 23.68 8.68 -12.40
CA PRO A 115 24.76 7.69 -12.57
C PRO A 115 24.91 6.74 -11.41
N LEU A 116 25.57 5.61 -11.66
CA LEU A 116 25.79 4.61 -10.64
C LEU A 116 26.43 5.19 -9.42
N GLN A 117 27.46 6.01 -9.64
CA GLN A 117 28.26 6.56 -8.57
C GLN A 117 28.18 8.07 -8.49
N VAL A 118 28.12 8.59 -7.28
CA VAL A 118 28.38 10.00 -7.07
C VAL A 118 29.89 10.18 -7.28
N PRO A 119 30.30 11.18 -8.07
CA PRO A 119 31.74 11.33 -8.31
C PRO A 119 32.55 11.51 -7.02
N ASP A 120 33.76 10.94 -6.98
CA ASP A 120 34.60 11.01 -5.78
C ASP A 120 34.92 12.45 -5.40
N GLU A 121 34.91 13.32 -6.40
CA GLU A 121 35.25 14.74 -6.22
C GLU A 121 34.17 15.46 -5.47
N VAL A 122 33.00 14.84 -5.38
CA VAL A 122 31.92 15.46 -4.66
C VAL A 122 32.10 15.13 -3.19
N LYS A 123 32.54 16.11 -2.42
CA LYS A 123 32.81 15.87 -1.01
C LYS A 123 31.96 16.76 -0.14
N SER A 124 31.88 18.03 -0.53
CA SER A 124 31.14 19.02 0.24
C SER A 124 29.69 19.03 -0.18
N SER A 125 28.83 19.58 0.67
CA SER A 125 27.42 19.69 0.35
C SER A 125 27.18 20.57 -0.90
N SER A 126 27.94 21.65 -1.02
CA SER A 126 27.78 22.50 -2.19
C SER A 126 28.16 21.72 -3.47
N ASP A 127 29.10 20.79 -3.33
CA ASP A 127 29.52 19.95 -4.45
C ASP A 127 28.35 19.07 -4.87
N LEU A 128 27.60 18.58 -3.89
CA LEU A 128 26.44 17.70 -4.14
CA LEU A 128 26.49 17.68 -4.17
C LEU A 128 25.34 18.44 -4.90
N LEU A 129 25.04 19.66 -4.47
CA LEU A 129 24.01 20.43 -5.14
C LEU A 129 24.43 20.70 -6.58
N ARG A 130 25.69 21.10 -6.76
CA ARG A 130 26.23 21.36 -8.07
CA ARG A 130 26.19 21.37 -8.10
C ARG A 130 26.05 20.13 -8.97
N PHE A 131 26.41 18.96 -8.43
CA PHE A 131 26.35 17.71 -9.18
C PHE A 131 24.90 17.47 -9.69
N TYR A 132 23.93 17.54 -8.80
CA TYR A 132 22.55 17.27 -9.21
C TYR A 132 21.99 18.37 -10.12
N GLN A 133 22.37 19.63 -9.88
CA GLN A 133 21.91 20.71 -10.75
C GLN A 133 22.44 20.57 -12.17
N ASN A 134 23.68 20.09 -12.30
CA ASN A 134 24.33 20.03 -13.58
C ASN A 134 24.08 18.74 -14.35
N TRP A 135 23.56 17.72 -13.65
CA TRP A 135 23.29 16.43 -14.26
C TRP A 135 22.25 16.57 -15.34
N GLN A 136 22.54 15.98 -16.50
CA GLN A 136 21.63 16.04 -17.62
C GLN A 136 21.02 14.67 -17.88
N PRO A 137 19.69 14.52 -17.68
CA PRO A 137 19.08 13.21 -17.93
C PRO A 137 19.14 12.82 -19.38
N ALA A 138 19.37 11.54 -19.61
CA ALA A 138 19.33 11.00 -20.94
C ALA A 138 17.90 10.76 -21.39
N TRP A 139 17.02 10.52 -20.41
CA TRP A 139 15.67 10.05 -20.67
C TRP A 139 14.64 10.79 -19.84
N ALA A 140 13.41 10.81 -20.33
CA ALA A 140 12.31 11.34 -19.54
C ALA A 140 12.15 10.53 -18.27
N PRO A 141 11.65 11.16 -17.20
CA PRO A 141 11.44 10.39 -15.96
C PRO A 141 10.47 9.24 -16.15
N GLY A 142 10.69 8.13 -15.46
CA GLY A 142 9.75 7.04 -15.49
C GLY A 142 9.73 6.24 -16.77
N THR A 143 10.84 6.24 -17.53
CA THR A 143 10.88 5.47 -18.77
C THR A 143 11.97 4.41 -18.79
N GLN A 144 13.08 4.65 -18.12
CA GLN A 144 14.18 3.69 -18.09
C GLN A 144 14.74 3.54 -16.68
N ARG A 145 15.15 2.33 -16.34
CA ARG A 145 15.80 2.04 -15.07
C ARG A 145 17.30 1.94 -15.28
N LEU A 146 18.05 2.65 -14.45
CA LEU A 146 19.50 2.53 -14.44
C LEU A 146 19.93 2.51 -13.00
N TYR A 147 20.32 1.35 -12.50
CA TYR A 147 20.67 1.18 -11.10
C TYR A 147 21.68 2.25 -10.71
N ALA A 148 21.45 2.94 -9.60
CA ALA A 148 22.24 4.12 -9.29
C ALA A 148 22.27 4.45 -7.81
N ASN A 149 23.48 4.52 -7.24
CA ASN A 149 23.63 4.98 -5.87
C ASN A 149 23.25 6.44 -5.75
N SER A 150 23.50 7.21 -6.81
CA SER A 150 23.17 8.63 -6.76
C SER A 150 21.66 8.89 -6.75
N SER A 151 20.89 7.89 -7.13
CA SER A 151 19.44 8.01 -7.19
C SER A 151 18.84 7.63 -5.84
N ILE A 152 19.03 6.38 -5.40
CA ILE A 152 18.44 5.99 -4.13
C ILE A 152 19.13 6.68 -2.95
N GLY A 153 20.40 7.05 -3.12
CA GLY A 153 21.07 7.78 -2.07
C GLY A 153 20.42 9.12 -1.83
N LEU A 154 20.08 9.83 -2.90
CA LEU A 154 19.39 11.10 -2.75
C LEU A 154 18.00 10.90 -2.17
N PHE A 155 17.31 9.84 -2.58
CA PHE A 155 16.03 9.52 -1.98
C PHE A 155 16.17 9.39 -0.46
N GLY A 156 17.17 8.64 0.01
CA GLY A 156 17.30 8.45 1.44
C GLY A 156 17.57 9.75 2.18
N ALA A 157 18.44 10.58 1.62
CA ALA A 157 18.75 11.86 2.26
C ALA A 157 17.49 12.75 2.33
N LEU A 158 16.69 12.76 1.28
CA LEU A 158 15.51 13.64 1.26
C LEU A 158 14.39 13.05 2.12
N ALA A 159 14.33 11.73 2.22
CA ALA A 159 13.23 11.10 2.94
C ALA A 159 13.25 11.44 4.42
N VAL A 160 14.44 11.67 4.96
CA VAL A 160 14.59 11.93 6.38
C VAL A 160 14.57 13.44 6.70
N LYS A 161 14.54 14.29 5.66
CA LYS A 161 14.62 15.73 5.90
C LYS A 161 13.48 16.23 6.78
N PRO A 162 12.21 15.86 6.49
CA PRO A 162 11.15 16.45 7.32
C PRO A 162 11.30 16.11 8.81
N SER A 163 11.89 14.97 9.13
CA SER A 163 12.07 14.56 10.53
C SER A 163 13.09 15.44 11.25
N GLY A 164 13.99 16.08 10.51
CA GLY A 164 15.06 16.86 11.12
C GLY A 164 16.16 15.99 11.71
N LEU A 165 16.02 14.67 11.60
CA LEU A 165 17.03 13.74 12.08
C LEU A 165 18.07 13.53 10.98
N SER A 166 19.32 13.25 11.36
CA SER A 166 20.29 12.80 10.37
C SER A 166 19.84 11.45 9.83
N PHE A 167 20.33 11.08 8.66
CA PHE A 167 20.00 9.78 8.11
C PHE A 167 20.33 8.67 9.12
N GLU A 168 21.52 8.73 9.70
CA GLU A 168 21.93 7.71 10.65
C GLU A 168 21.01 7.68 11.88
N GLN A 169 20.69 8.86 12.42
CA GLN A 169 19.81 8.91 13.59
C GLN A 169 18.43 8.35 13.27
N ALA A 170 17.90 8.72 12.10
CA ALA A 170 16.59 8.20 11.69
C ALA A 170 16.65 6.66 11.52
N MET A 171 17.68 6.15 10.87
CA MET A 171 17.80 4.70 10.67
C MET A 171 17.86 3.99 12.04
N GLN A 172 18.67 4.52 12.95
CA GLN A 172 18.84 3.89 14.26
C GLN A 172 17.54 3.88 15.03
N THR A 173 16.87 5.03 15.09
CA THR A 173 15.72 5.10 15.99
CA THR A 173 15.69 5.20 15.94
C THR A 173 14.46 4.52 15.36
N ARG A 174 14.37 4.53 14.04
CA ARG A 174 13.13 4.13 13.40
C ARG A 174 13.15 2.73 12.82
N VAL A 175 14.35 2.19 12.56
CA VAL A 175 14.45 0.86 11.98
C VAL A 175 15.28 -0.09 12.88
N PHE A 176 16.52 0.27 13.16
CA PHE A 176 17.39 -0.68 13.86
C PHE A 176 16.86 -1.00 15.27
N GLN A 177 16.59 0.06 16.04
CA GLN A 177 16.20 -0.13 17.43
C GLN A 177 14.87 -0.89 17.57
N PRO A 178 13.81 -0.49 16.84
CA PRO A 178 12.56 -1.24 16.99
C PRO A 178 12.66 -2.71 16.61
N LEU A 179 13.54 -3.03 15.66
CA LEU A 179 13.68 -4.41 15.21
C LEU A 179 14.76 -5.16 16.00
N LYS A 180 15.33 -4.51 17.01
CA LYS A 180 16.36 -5.10 17.86
C LYS A 180 17.60 -5.52 17.07
N LEU A 181 17.96 -4.70 16.07
CA LEU A 181 19.19 -4.93 15.30
C LEU A 181 20.26 -4.12 16.03
N ASN A 182 20.75 -4.70 17.13
CA ASN A 182 21.66 -4.00 18.03
C ASN A 182 23.13 -4.16 17.66
N HIS A 183 23.40 -4.88 16.57
CA HIS A 183 24.76 -5.02 16.06
C HIS A 183 24.76 -4.72 14.58
N THR A 184 24.01 -3.68 14.23
CA THR A 184 23.90 -3.18 12.87
C THR A 184 24.23 -1.68 12.90
N TRP A 185 25.09 -1.25 12.00
CA TRP A 185 25.71 0.09 12.12
C TRP A 185 25.88 0.74 10.78
N ILE A 186 25.72 2.06 10.73
CA ILE A 186 26.18 2.87 9.62
C ILE A 186 27.64 3.25 9.83
N ASN A 187 27.99 3.56 11.08
CA ASN A 187 29.38 3.78 11.45
C ASN A 187 29.71 2.78 12.55
N VAL A 188 30.69 1.91 12.32
CA VAL A 188 31.04 0.89 13.32
C VAL A 188 31.66 1.58 14.54
N PRO A 189 31.06 1.43 15.73
CA PRO A 189 31.63 2.07 16.92
C PRO A 189 32.93 1.40 17.34
N PRO A 190 33.80 2.13 18.04
CA PRO A 190 35.07 1.54 18.51
C PRO A 190 34.81 0.26 19.31
N ALA A 191 33.74 0.21 20.09
CA ALA A 191 33.46 -0.98 20.91
C ALA A 191 33.27 -2.24 20.07
N GLU A 192 32.92 -2.06 18.79
CA GLU A 192 32.57 -3.21 17.96
C GLU A 192 33.66 -3.50 16.95
N GLU A 193 34.75 -2.75 16.93
CA GLU A 193 35.77 -2.91 15.92
C GLU A 193 36.40 -4.31 15.93
N LYS A 194 36.48 -4.95 17.10
CA LYS A 194 37.05 -6.30 17.20
C LYS A 194 36.27 -7.32 16.40
N ASN A 195 35.02 -6.97 16.07
CA ASN A 195 34.17 -7.86 15.30
C ASN A 195 34.08 -7.49 13.85
N TYR A 196 34.68 -6.39 13.43
CA TYR A 196 34.53 -5.91 12.06
C TYR A 196 35.51 -6.65 11.15
N ALA A 197 34.97 -7.51 10.29
CA ALA A 197 35.82 -8.26 9.36
C ALA A 197 36.54 -7.31 8.43
N TRP A 198 37.70 -7.74 7.96
CA TRP A 198 38.31 -7.12 6.80
C TRP A 198 37.70 -7.66 5.53
N GLY A 199 37.54 -6.82 4.52
CA GLY A 199 37.24 -7.33 3.19
C GLY A 199 38.53 -7.62 2.46
N TYR A 200 38.46 -8.44 1.41
CA TYR A 200 39.67 -8.81 0.68
C TYR A 200 39.45 -8.60 -0.78
N ARG A 201 40.31 -7.77 -1.37
CA ARG A 201 40.24 -7.46 -2.78
CA ARG A 201 40.24 -7.48 -2.79
C ARG A 201 41.65 -7.64 -3.33
N GLU A 202 41.81 -8.57 -4.27
CA GLU A 202 43.12 -8.94 -4.82
C GLU A 202 44.10 -9.27 -3.68
N GLY A 203 43.59 -9.95 -2.66
CA GLY A 203 44.40 -10.36 -1.53
C GLY A 203 44.73 -9.29 -0.52
N LYS A 204 44.27 -8.05 -0.75
CA LYS A 204 44.52 -6.98 0.20
C LYS A 204 43.32 -6.73 1.12
N ALA A 205 43.59 -6.50 2.40
CA ALA A 205 42.56 -6.18 3.38
C ALA A 205 42.07 -4.76 3.18
N VAL A 206 40.76 -4.63 3.02
CA VAL A 206 40.16 -3.32 2.71
C VAL A 206 38.84 -3.13 3.42
N HIS A 207 38.55 -1.88 3.79
CA HIS A 207 37.23 -1.47 4.23
C HIS A 207 36.70 -0.42 3.28
N VAL A 208 35.38 -0.32 3.23
CA VAL A 208 34.75 0.68 2.36
C VAL A 208 35.24 2.09 2.72
N SER A 209 35.47 2.90 1.70
CA SER A 209 35.92 4.29 1.89
C SER A 209 34.74 5.23 2.04
N PRO A 210 34.92 6.33 2.79
CA PRO A 210 33.86 7.35 2.88
C PRO A 210 33.52 7.91 1.52
N GLY A 211 32.25 8.22 1.29
CA GLY A 211 31.86 8.87 0.05
C GLY A 211 30.54 9.58 0.24
N ALA A 212 30.21 10.50 -0.65
CA ALA A 212 28.93 11.20 -0.55
C ALA A 212 27.77 10.21 -0.67
N LEU A 213 26.78 10.38 0.19
CA LEU A 213 25.59 9.53 0.21
C LEU A 213 25.92 8.05 0.43
N ASP A 214 27.04 7.78 1.08
CA ASP A 214 27.43 6.41 1.38
C ASP A 214 26.46 5.72 2.34
N ALA A 215 26.08 6.42 3.41
CA ALA A 215 25.19 5.81 4.40
C ALA A 215 23.91 5.35 3.75
N GLU A 216 23.44 6.13 2.80
CA GLU A 216 22.14 5.93 2.18
C GLU A 216 22.14 4.84 1.12
N ALA A 217 23.28 4.60 0.51
CA ALA A 217 23.31 3.68 -0.65
C ALA A 217 24.06 2.39 -0.36
N TYR A 218 25.10 2.43 0.47
CA TYR A 218 25.93 1.23 0.60
C TYR A 218 26.65 1.10 1.91
N GLY A 219 26.18 1.81 2.94
CA GLY A 219 26.97 2.01 4.14
C GLY A 219 26.64 1.20 5.40
N VAL A 220 25.75 0.21 5.31
CA VAL A 220 25.44 -0.55 6.51
C VAL A 220 26.40 -1.74 6.70
N LYS A 221 26.74 -1.98 7.96
CA LYS A 221 27.50 -3.15 8.40
C LYS A 221 26.66 -3.92 9.38
N SER A 222 26.66 -5.26 9.30
CA SER A 222 25.79 -6.03 10.17
C SER A 222 26.32 -7.43 10.38
N THR A 223 25.76 -8.11 11.37
CA THR A 223 26.15 -9.50 11.65
C THR A 223 25.14 -10.44 11.01
N ILE A 224 25.48 -11.72 10.99
CA ILE A 224 24.57 -12.68 10.39
C ILE A 224 23.30 -12.83 11.23
N GLU A 225 23.40 -12.64 12.55
CA GLU A 225 22.23 -12.73 13.40
C GLU A 225 21.27 -11.58 13.17
N ASP A 226 21.81 -10.36 13.07
CA ASP A 226 20.94 -9.23 12.80
C ASP A 226 20.35 -9.33 11.41
N MET A 227 21.11 -9.84 10.44
CA MET A 227 20.57 -9.96 9.12
C MET A 227 19.47 -11.03 9.06
N ALA A 228 19.60 -12.10 9.81
CA ALA A 228 18.51 -13.07 9.89
C ALA A 228 17.26 -12.41 10.47
N ARG A 229 17.44 -11.57 11.49
CA ARG A 229 16.30 -10.84 12.05
C ARG A 229 15.70 -9.86 11.04
N TRP A 230 16.56 -9.24 10.23
CA TRP A 230 16.06 -8.37 9.16
C TRP A 230 15.22 -9.17 8.16
N VAL A 231 15.67 -10.36 7.80
CA VAL A 231 14.88 -11.19 6.89
C VAL A 231 13.56 -11.59 7.56
N GLN A 232 13.62 -12.01 8.83
CA GLN A 232 12.39 -12.37 9.53
C GLN A 232 11.38 -11.22 9.54
N SER A 233 11.89 -10.00 9.73
CA SER A 233 11.03 -8.82 9.79
C SER A 233 10.37 -8.54 8.45
N ASN A 234 11.13 -8.77 7.37
CA ASN A 234 10.61 -8.54 6.04
C ASN A 234 9.72 -9.68 5.55
N LEU A 235 9.89 -10.89 6.11
CA LEU A 235 9.03 -12.03 5.79
C LEU A 235 7.66 -11.86 6.42
N LYS A 236 7.65 -11.33 7.64
CA LYS A 236 6.44 -11.23 8.47
C LYS A 236 6.28 -9.85 9.08
N PRO A 237 6.00 -8.86 8.25
CA PRO A 237 5.94 -7.48 8.78
C PRO A 237 4.81 -7.27 9.79
N LEU A 238 3.80 -8.12 9.75
CA LEU A 238 2.66 -7.96 10.64
C LEU A 238 3.00 -8.25 12.11
N ASP A 239 4.11 -8.93 12.35
CA ASP A 239 4.55 -9.20 13.72
C ASP A 239 5.19 -7.95 14.34
N ILE A 240 5.52 -6.98 13.51
CA ILE A 240 6.16 -5.76 13.97
C ILE A 240 5.17 -4.84 14.68
N ASN A 241 5.48 -4.50 15.92
CA ASN A 241 4.58 -3.74 16.76
C ASN A 241 4.45 -2.28 16.34
N GLU A 242 5.54 -1.71 15.86
CA GLU A 242 5.55 -0.31 15.43
C GLU A 242 4.82 -0.16 14.10
N LYS A 243 3.68 0.55 14.14
CA LYS A 243 2.77 0.59 13.01
C LYS A 243 3.37 1.15 11.72
N THR A 244 4.04 2.29 11.80
CA THR A 244 4.57 2.88 10.58
C THR A 244 5.72 2.06 9.99
N LEU A 245 6.43 1.31 10.83
CA LEU A 245 7.51 0.47 10.38
C LEU A 245 6.96 -0.77 9.67
N GLN A 246 5.92 -1.36 10.24
CA GLN A 246 5.21 -2.46 9.60
C GLN A 246 4.76 -2.04 8.20
N GLN A 247 4.19 -0.84 8.12
CA GLN A 247 3.70 -0.30 6.86
CA GLN A 247 3.70 -0.33 6.85
C GLN A 247 4.87 -0.02 5.91
N GLY A 248 5.95 0.54 6.42
CA GLY A 248 7.11 0.83 5.59
C GLY A 248 7.72 -0.40 4.96
N ILE A 249 7.80 -1.48 5.72
CA ILE A 249 8.27 -2.75 5.18
C ILE A 249 7.37 -3.20 4.02
N GLN A 250 6.07 -3.08 4.20
CA GLN A 250 5.16 -3.47 3.15
C GLN A 250 5.31 -2.59 1.92
N LEU A 251 5.48 -1.28 2.12
CA LEU A 251 5.64 -0.37 0.99
C LEU A 251 6.93 -0.69 0.18
N ALA A 252 7.97 -1.15 0.88
CA ALA A 252 9.24 -1.41 0.20
C ALA A 252 9.14 -2.63 -0.71
N GLN A 253 8.17 -3.52 -0.43
CA GLN A 253 7.95 -4.72 -1.24
C GLN A 253 6.85 -4.57 -2.25
N SER A 254 6.29 -3.37 -2.35
CA SER A 254 5.34 -3.13 -3.43
C SER A 254 6.05 -3.13 -4.77
N ARG A 255 5.30 -3.44 -5.83
CA ARG A 255 5.89 -3.52 -7.18
C ARG A 255 5.56 -2.28 -7.95
N TYR A 256 6.58 -1.44 -8.18
CA TYR A 256 6.39 -0.12 -8.83
C TYR A 256 6.66 -0.09 -10.34
N TRP A 257 7.58 -0.93 -10.79
CA TRP A 257 8.02 -0.97 -12.18
C TRP A 257 8.32 -2.41 -12.53
N GLN A 258 8.17 -2.74 -13.79
CA GLN A 258 8.56 -4.06 -14.29
C GLN A 258 9.57 -3.91 -15.41
N THR A 259 10.63 -4.71 -15.36
CA THR A 259 11.52 -4.88 -16.50
C THR A 259 11.79 -6.37 -16.64
N GLY A 260 11.43 -6.92 -17.78
CA GLY A 260 11.55 -8.35 -17.92
C GLY A 260 10.67 -9.03 -16.88
N ASP A 261 11.24 -9.98 -16.14
CA ASP A 261 10.50 -10.73 -15.13
CA ASP A 261 10.41 -10.64 -15.15
C ASP A 261 10.70 -10.13 -13.75
N MET A 262 11.39 -9.00 -13.66
CA MET A 262 11.65 -8.45 -12.34
CA MET A 262 11.73 -8.38 -12.37
C MET A 262 10.83 -7.20 -12.07
N TYR A 263 10.52 -7.03 -10.79
CA TYR A 263 9.75 -5.90 -10.31
C TYR A 263 10.61 -5.12 -9.34
N GLN A 264 10.59 -3.80 -9.47
CA GLN A 264 11.36 -2.93 -8.59
C GLN A 264 10.52 -2.46 -7.42
N GLY A 265 11.01 -2.75 -6.23
CA GLY A 265 10.47 -2.20 -4.99
C GLY A 265 11.26 -1.00 -4.50
N LEU A 266 11.17 -0.71 -3.20
CA LEU A 266 12.04 0.33 -2.62
C LEU A 266 13.23 -0.42 -2.01
N GLY A 267 14.35 -0.47 -2.73
CA GLY A 267 15.51 -1.24 -2.32
C GLY A 267 15.37 -2.69 -2.75
N TRP A 268 14.36 -3.37 -2.23
CA TRP A 268 14.11 -4.76 -2.64
C TRP A 268 13.76 -4.85 -4.13
N GLU A 269 14.09 -6.00 -4.72
CA GLU A 269 13.65 -6.38 -6.04
C GLU A 269 12.91 -7.69 -5.91
N MET A 270 11.99 -7.96 -6.83
CA MET A 270 11.12 -9.10 -6.67
C MET A 270 10.85 -9.76 -7.99
N LEU A 271 10.64 -11.07 -7.93
CA LEU A 271 10.11 -11.86 -9.04
C LEU A 271 8.96 -12.68 -8.50
N ASP A 272 8.03 -13.05 -9.37
CA ASP A 272 7.00 -14.01 -8.98
C ASP A 272 7.62 -15.36 -8.65
N TRP A 273 7.13 -15.98 -7.58
CA TRP A 273 7.52 -17.34 -7.21
C TRP A 273 6.43 -18.34 -7.65
N PRO A 274 6.81 -19.48 -8.25
CA PRO A 274 8.17 -19.98 -8.45
C PRO A 274 8.88 -19.24 -9.56
N VAL A 275 10.18 -19.13 -9.39
CA VAL A 275 10.97 -18.37 -10.32
C VAL A 275 11.63 -19.35 -11.23
N ASN A 276 11.93 -18.90 -12.44
CA ASN A 276 12.86 -19.62 -13.26
C ASN A 276 14.23 -19.28 -12.68
N PRO A 277 14.94 -20.28 -12.15
CA PRO A 277 16.26 -20.01 -11.54
C PRO A 277 17.22 -19.34 -12.51
N ASP A 278 17.19 -19.75 -13.78
CA ASP A 278 18.01 -19.13 -14.80
C ASP A 278 17.74 -17.63 -14.90
N SER A 279 16.49 -17.24 -14.65
CA SER A 279 16.09 -15.84 -14.72
C SER A 279 16.66 -14.97 -13.59
N ILE A 280 16.68 -15.49 -12.37
CA ILE A 280 17.31 -14.77 -11.25
C ILE A 280 18.81 -14.96 -11.23
N ILE A 281 19.29 -16.14 -11.62
CA ILE A 281 20.72 -16.39 -11.58
C ILE A 281 21.39 -15.48 -12.60
N ASN A 282 20.93 -15.55 -13.84
CA ASN A 282 21.52 -14.73 -14.89
C ASN A 282 21.21 -13.25 -14.71
N GLY A 283 19.99 -12.96 -14.24
CA GLY A 283 19.56 -11.58 -14.08
C GLY A 283 20.35 -10.85 -13.01
N SER A 284 20.98 -11.59 -12.11
CA SER A 284 21.75 -10.97 -11.03
C SER A 284 23.12 -10.52 -11.46
N ASP A 285 23.60 -11.07 -12.56
CA ASP A 285 24.87 -10.66 -13.14
C ASP A 285 24.81 -9.16 -13.37
N ASN A 286 25.87 -8.46 -12.99
CA ASN A 286 25.91 -7.01 -13.12
C ASN A 286 25.67 -6.53 -14.55
N LYS A 287 25.95 -7.40 -15.51
CA LYS A 287 25.75 -7.05 -16.91
C LYS A 287 24.26 -6.87 -17.25
N ILE A 288 28.11 -6.58 -15.82
N ILE A 288 23.40 -7.44 -16.43
CA ILE A 288 27.80 -5.42 -16.63
CA ILE A 288 21.97 -7.24 -16.58
C ILE A 288 27.83 -4.15 -15.79
C ILE A 288 21.48 -6.28 -15.50
N ALA A 289 28.69 -3.23 -16.21
N ALA A 289 21.88 -6.53 -14.26
CA ALA A 289 28.93 -1.98 -15.49
CA ALA A 289 21.44 -5.74 -13.11
C ALA A 289 27.73 -1.02 -15.52
C ALA A 289 21.76 -4.26 -13.23
N LEU A 290 26.96 -1.06 -16.60
N LEU A 290 22.91 -3.93 -13.79
CA LEU A 290 25.84 -0.15 -16.81
CA LEU A 290 23.38 -2.55 -13.86
C LEU A 290 24.85 -0.93 -17.67
C LEU A 290 23.13 -1.86 -15.22
N ALA A 291 23.63 -1.11 -17.16
N ALA A 291 22.40 -2.51 -16.13
CA ALA A 291 22.57 -1.83 -17.87
CA ALA A 291 22.20 -2.06 -17.53
C ALA A 291 21.28 -1.03 -17.79
C ALA A 291 21.13 -0.96 -17.69
N ALA A 292 21.07 -0.22 -18.82
CA ALA A 292 19.90 0.66 -18.96
C ALA A 292 18.75 -0.18 -19.55
N ARG A 293 17.61 -0.19 -18.88
CA ARG A 293 16.48 -1.01 -19.33
C ARG A 293 15.19 -0.24 -19.33
N PRO A 294 14.41 -0.31 -20.41
CA PRO A 294 13.07 0.30 -20.37
C PRO A 294 12.23 -0.34 -19.26
N VAL A 295 11.42 0.47 -18.59
CA VAL A 295 10.51 -0.05 -17.58
C VAL A 295 9.07 0.23 -17.94
N LYS A 296 8.19 -0.64 -17.48
CA LYS A 296 6.76 -0.44 -17.55
C LYS A 296 6.28 -0.04 -16.16
N ALA A 297 5.51 1.04 -16.06
CA ALA A 297 4.92 1.44 -14.79
C ALA A 297 3.86 0.47 -14.39
N ILE A 298 3.83 0.14 -13.11
CA ILE A 298 2.74 -0.64 -12.57
CA ILE A 298 2.75 -0.65 -12.54
C ILE A 298 1.81 0.35 -11.88
N THR A 299 0.66 0.58 -12.52
CA THR A 299 -0.20 1.70 -12.21
C THR A 299 -1.57 1.23 -11.75
N PRO A 300 -1.85 1.26 -10.43
CA PRO A 300 -0.98 1.65 -9.31
C PRO A 300 -0.11 0.45 -8.90
N PRO A 301 0.87 0.69 -8.03
CA PRO A 301 1.80 -0.39 -7.64
C PRO A 301 1.07 -1.54 -6.97
N THR A 302 1.55 -2.74 -7.22
CA THR A 302 0.94 -3.91 -6.60
C THR A 302 1.43 -4.03 -5.18
N PRO A 303 0.51 -4.17 -4.21
CA PRO A 303 1.00 -4.33 -2.84
C PRO A 303 1.78 -5.63 -2.72
N ALA A 304 2.66 -5.69 -1.73
CA ALA A 304 3.59 -6.80 -1.52
C ALA A 304 2.91 -8.17 -1.77
N VAL A 305 3.44 -8.89 -2.75
CA VAL A 305 2.93 -10.19 -3.15
C VAL A 305 3.64 -11.28 -2.35
N ARG A 306 2.89 -12.08 -1.61
CA ARG A 306 3.52 -13.11 -0.79
C ARG A 306 4.23 -14.20 -1.61
N ALA A 307 3.65 -14.57 -2.75
CA ALA A 307 4.29 -15.52 -3.67
C ALA A 307 5.38 -14.85 -4.51
N SER A 308 6.41 -14.36 -3.84
CA SER A 308 7.51 -13.66 -4.50
C SER A 308 8.84 -14.22 -4.05
N TRP A 309 9.83 -14.17 -4.94
CA TRP A 309 11.23 -14.28 -4.57
C TRP A 309 11.66 -12.82 -4.41
N VAL A 310 11.94 -12.41 -3.18
CA VAL A 310 12.33 -11.04 -2.88
C VAL A 310 13.81 -11.08 -2.57
N HIS A 311 14.60 -10.19 -3.16
CA HIS A 311 16.05 -10.34 -2.99
C HIS A 311 16.79 -9.03 -3.20
N LYS A 312 18.06 -9.06 -2.81
CA LYS A 312 18.98 -7.98 -3.08
C LYS A 312 20.41 -8.48 -2.98
N THR A 313 21.21 -8.15 -3.98
CA THR A 313 22.65 -8.37 -3.93
CA THR A 313 22.64 -8.39 -3.93
C THR A 313 23.37 -7.13 -3.42
N GLY A 314 24.55 -7.31 -2.84
CA GLY A 314 25.31 -6.16 -2.38
C GLY A 314 26.79 -6.41 -2.50
N ALA A 315 27.54 -5.36 -2.75
CA ALA A 315 28.97 -5.48 -2.81
C ALA A 315 29.62 -4.20 -2.33
N THR A 316 30.78 -4.35 -1.72
CA THR A 316 31.73 -3.25 -1.63
C THR A 316 33.02 -3.79 -2.24
N GLY A 317 34.10 -3.04 -2.20
CA GLY A 317 35.32 -3.50 -2.82
C GLY A 317 35.76 -4.84 -2.25
N GLY A 318 35.51 -5.06 -0.96
CA GLY A 318 36.01 -6.24 -0.28
C GLY A 318 34.97 -7.25 0.18
N PHE A 319 33.69 -7.00 -0.09
CA PHE A 319 32.63 -7.84 0.46
C PHE A 319 31.57 -8.13 -0.57
N GLY A 320 30.89 -9.26 -0.40
CA GLY A 320 29.77 -9.64 -1.23
C GLY A 320 28.68 -10.24 -0.41
N SER A 321 27.48 -9.71 -0.55
CA SER A 321 26.36 -10.14 0.26
CA SER A 321 26.35 -10.11 0.25
C SER A 321 25.16 -10.47 -0.63
N TYR A 322 24.27 -11.29 -0.08
CA TYR A 322 23.04 -11.60 -0.78
C TYR A 322 21.99 -11.95 0.24
N VAL A 323 20.78 -11.47 -0.03
CA VAL A 323 19.62 -11.81 0.80
CA VAL A 323 19.64 -11.84 0.80
C VAL A 323 18.48 -12.18 -0.12
N ALA A 324 17.80 -13.29 0.16
CA ALA A 324 16.60 -13.65 -0.58
C ALA A 324 15.58 -14.29 0.33
N PHE A 325 14.30 -14.05 0.07
CA PHE A 325 13.28 -14.71 0.87
C PHE A 325 11.99 -14.85 0.09
N ILE A 326 11.14 -15.77 0.56
CA ILE A 326 9.88 -16.07 -0.11
C ILE A 326 8.79 -16.03 0.97
N PRO A 327 8.04 -14.92 1.04
CA PRO A 327 7.09 -14.76 2.15
C PRO A 327 6.08 -15.90 2.26
N GLU A 328 5.55 -16.41 1.14
CA GLU A 328 4.56 -17.47 1.15
C GLU A 328 5.08 -18.74 1.84
N LYS A 329 6.40 -18.95 1.79
CA LYS A 329 6.99 -20.18 2.34
C LYS A 329 7.68 -19.97 3.67
N GLU A 330 7.67 -18.75 4.20
CA GLU A 330 8.35 -18.43 5.47
C GLU A 330 9.81 -18.87 5.42
N LEU A 331 10.42 -18.66 4.26
CA LEU A 331 11.74 -19.18 3.97
CA LEU A 331 11.75 -19.18 3.95
C LEU A 331 12.67 -18.06 3.51
N GLY A 332 13.90 -18.06 3.97
CA GLY A 332 14.83 -17.04 3.55
C GLY A 332 16.28 -17.43 3.77
N ILE A 333 17.17 -16.65 3.19
CA ILE A 333 18.60 -16.89 3.33
C ILE A 333 19.35 -15.55 3.31
N VAL A 334 20.43 -15.52 4.09
CA VAL A 334 21.40 -14.43 4.03
C VAL A 334 22.77 -15.06 3.83
N MET A 335 23.55 -14.52 2.91
CA MET A 335 24.93 -14.97 2.67
C MET A 335 25.83 -13.74 2.75
N LEU A 336 26.76 -13.74 3.71
CA LEU A 336 27.68 -12.61 3.89
C LEU A 336 29.09 -13.14 3.69
N ALA A 337 29.86 -12.51 2.83
CA ALA A 337 31.23 -12.91 2.59
C ALA A 337 32.15 -11.72 2.54
N ASN A 338 33.42 -11.92 2.94
CA ASN A 338 34.41 -10.89 2.85
C ASN A 338 35.28 -11.00 1.62
N LYS A 339 34.63 -11.32 0.51
CA LYS A 339 35.18 -11.13 -0.82
C LYS A 339 34.00 -10.78 -1.73
N ASN A 340 34.19 -9.87 -2.67
CA ASN A 340 33.18 -9.56 -3.67
C ASN A 340 33.27 -10.53 -4.85
N TYR A 341 32.57 -11.64 -4.75
CA TYR A 341 32.61 -12.71 -5.75
C TYR A 341 31.36 -12.62 -6.65
N PRO A 342 31.38 -13.25 -7.82
CA PRO A 342 30.32 -12.95 -8.79
C PRO A 342 28.87 -13.20 -8.35
N ASN A 343 27.99 -12.26 -8.65
CA ASN A 343 26.58 -12.37 -8.26
C ASN A 343 25.93 -13.70 -8.65
N PRO A 344 26.15 -14.17 -9.91
CA PRO A 344 25.45 -15.41 -10.29
C PRO A 344 25.80 -16.58 -9.39
N ALA A 345 27.02 -16.63 -8.86
CA ALA A 345 27.37 -17.70 -7.92
C ALA A 345 26.56 -17.58 -6.62
N ARG A 346 26.31 -16.35 -6.17
CA ARG A 346 25.48 -16.12 -4.98
C ARG A 346 24.08 -16.63 -5.19
N VAL A 347 23.46 -16.20 -6.29
CA VAL A 347 22.08 -16.50 -6.54
C VAL A 347 21.91 -18.00 -6.80
N ASP A 348 22.88 -18.60 -7.50
CA ASP A 348 22.78 -20.03 -7.75
C ASP A 348 22.81 -20.80 -6.45
N ALA A 349 23.69 -20.40 -5.52
CA ALA A 349 23.78 -21.09 -4.25
C ALA A 349 22.51 -20.89 -3.43
N ALA A 350 22.00 -19.66 -3.41
CA ALA A 350 20.79 -19.40 -2.65
C ALA A 350 19.62 -20.17 -3.19
N TRP A 351 19.47 -20.21 -4.51
CA TRP A 351 18.36 -20.95 -5.09
C TRP A 351 18.47 -22.44 -4.77
N GLN A 352 19.67 -23.02 -4.87
CA GLN A 352 19.85 -24.43 -4.55
C GLN A 352 19.38 -24.72 -3.13
N ILE A 353 19.79 -23.87 -2.21
CA ILE A 353 19.41 -24.08 -0.82
C ILE A 353 17.89 -23.91 -0.62
N LEU A 354 17.33 -22.79 -1.08
CA LEU A 354 15.91 -22.56 -0.82
C LEU A 354 15.01 -23.54 -1.57
N ASN A 355 15.39 -23.88 -2.80
CA ASN A 355 14.59 -24.82 -3.56
C ASN A 355 14.55 -26.19 -2.86
N ALA A 356 15.67 -26.60 -2.26
CA ALA A 356 15.72 -27.89 -1.57
C ALA A 356 14.87 -27.89 -0.30
N LEU A 357 14.71 -26.72 0.30
CA LEU A 357 13.95 -26.61 1.53
C LEU A 357 12.49 -26.27 1.34
N GLN A 358 12.14 -25.85 0.14
CA GLN A 358 10.77 -25.45 -0.15
C GLN A 358 9.92 -26.66 -0.45
N ALA B 1 -24.59 8.54 27.15
CA ALA B 1 -23.51 9.26 26.50
C ALA B 1 -23.09 10.49 27.31
N PRO B 2 -21.83 10.93 27.12
CA PRO B 2 -21.40 12.22 27.67
C PRO B 2 -22.37 13.32 27.23
N GLN B 3 -22.64 14.23 28.16
CA GLN B 3 -23.54 15.35 27.91
C GLN B 3 -23.16 16.14 26.65
N GLN B 4 -21.87 16.29 26.36
CA GLN B 4 -21.48 17.06 25.20
C GLN B 4 -21.97 16.39 23.90
N ILE B 5 -21.94 15.06 23.84
CA ILE B 5 -22.40 14.37 22.66
C ILE B 5 -23.92 14.48 22.56
N ASN B 6 -24.62 14.20 23.68
CA ASN B 6 -26.07 14.30 23.67
C ASN B 6 -26.51 15.69 23.25
N ASP B 7 -25.82 16.70 23.76
CA ASP B 7 -26.25 18.07 23.51
C ASP B 7 -26.09 18.42 22.04
N ILE B 8 -24.92 18.14 21.45
CA ILE B 8 -24.75 18.57 20.07
C ILE B 8 -25.59 17.71 19.13
N VAL B 9 -25.76 16.42 19.43
CA VAL B 9 -26.61 15.61 18.58
C VAL B 9 -28.06 16.07 18.62
N HIS B 10 -28.57 16.34 19.83
CA HIS B 10 -29.98 16.75 19.97
C HIS B 10 -30.18 18.13 19.35
N ARG B 11 -29.21 19.01 19.47
CA ARG B 11 -29.38 20.35 18.92
CA ARG B 11 -29.35 20.35 18.93
C ARG B 11 -29.22 20.38 17.41
N THR B 12 -28.57 19.35 16.86
CA THR B 12 -28.30 19.34 15.43
C THR B 12 -29.26 18.42 14.66
N ILE B 13 -29.39 17.17 15.11
CA ILE B 13 -30.18 16.22 14.34
C ILE B 13 -31.66 16.39 14.59
N THR B 14 -32.05 16.68 15.84
CA THR B 14 -33.47 16.73 16.13
C THR B 14 -34.15 17.80 15.27
N PRO B 15 -33.56 19.01 15.17
CA PRO B 15 -34.16 20.00 14.28
C PRO B 15 -34.03 19.67 12.79
N LEU B 16 -32.97 18.98 12.39
CA LEU B 16 -32.82 18.54 11.01
C LEU B 16 -34.00 17.64 10.60
N ILE B 17 -34.39 16.75 11.49
CA ILE B 17 -35.53 15.85 11.26
C ILE B 17 -36.82 16.62 11.06
N GLU B 18 -37.03 17.63 11.88
CA GLU B 18 -38.24 18.41 11.76
C GLU B 18 -38.25 19.21 10.46
N GLN B 19 -37.11 19.80 10.12
CA GLN B 19 -36.97 20.60 8.91
C GLN B 19 -37.13 19.76 7.63
N GLN B 20 -36.57 18.56 7.64
CA GLN B 20 -36.58 17.73 6.44
C GLN B 20 -37.77 16.77 6.40
N LYS B 21 -38.57 16.79 7.46
CA LYS B 21 -39.73 15.91 7.61
C LYS B 21 -39.35 14.44 7.47
N ILE B 22 -38.27 14.06 8.14
CA ILE B 22 -37.78 12.68 8.11
C ILE B 22 -38.59 11.80 9.06
N PRO B 23 -39.16 10.68 8.56
CA PRO B 23 -40.00 9.82 9.42
C PRO B 23 -39.27 9.08 10.53
N GLY B 24 -38.06 8.60 10.22
CA GLY B 24 -37.30 7.83 11.18
C GLY B 24 -35.84 8.03 10.91
N MET B 25 -35.06 7.99 11.96
CA MET B 25 -33.63 8.23 11.82
CA MET B 25 -33.64 8.27 11.83
C MET B 25 -32.87 7.56 12.93
N ALA B 26 -31.68 7.05 12.59
CA ALA B 26 -30.77 6.52 13.59
C ALA B 26 -29.44 7.17 13.34
N VAL B 27 -28.75 7.50 14.41
CA VAL B 27 -27.41 8.09 14.33
C VAL B 27 -26.51 7.36 15.29
N ALA B 28 -25.27 7.14 14.86
CA ALA B 28 -24.23 6.69 15.78
C ALA B 28 -23.13 7.70 15.74
N VAL B 29 -22.63 8.05 16.92
CA VAL B 29 -21.41 8.83 17.03
C VAL B 29 -20.35 7.95 17.65
N ILE B 30 -19.20 7.88 17.00
CA ILE B 30 -18.04 7.19 17.55
C ILE B 30 -17.14 8.27 18.13
N TYR B 31 -16.89 8.18 19.43
CA TYR B 31 -16.13 9.21 20.14
C TYR B 31 -15.10 8.50 20.99
N GLN B 32 -13.83 8.85 20.79
CA GLN B 32 -12.71 8.12 21.39
C GLN B 32 -12.87 6.63 21.12
N GLY B 33 -13.30 6.32 19.91
CA GLY B 33 -13.45 4.94 19.49
C GLY B 33 -14.67 4.17 19.96
N LYS B 34 -15.52 4.76 20.80
CA LYS B 34 -16.69 4.06 21.36
C LYS B 34 -18.00 4.58 20.76
N PRO B 35 -19.00 3.70 20.56
CA PRO B 35 -20.22 4.15 19.89
C PRO B 35 -21.32 4.61 20.84
N TYR B 36 -22.05 5.63 20.38
CA TYR B 36 -23.21 6.15 21.11
C TYR B 36 -24.34 6.26 20.11
N TYR B 37 -25.53 5.81 20.50
CA TYR B 37 -26.63 5.67 19.57
C TYR B 37 -27.80 6.56 19.90
N PHE B 38 -28.49 6.96 18.84
CA PHE B 38 -29.59 7.90 18.96
C PHE B 38 -30.65 7.50 17.96
N THR B 39 -31.91 7.49 18.39
CA THR B 39 -32.98 7.13 17.47
C THR B 39 -34.16 8.09 17.55
N TRP B 40 -34.84 8.26 16.43
CA TRP B 40 -36.04 9.09 16.37
C TRP B 40 -37.05 8.41 15.50
N GLY B 41 -38.31 8.53 15.84
CA GLY B 41 -39.34 8.30 14.85
C GLY B 41 -39.62 6.85 14.51
N TYR B 42 -40.13 6.68 13.31
CA TYR B 42 -40.68 5.39 12.88
C TYR B 42 -39.97 4.78 11.69
N ALA B 43 -39.69 3.48 11.81
CA ALA B 43 -39.22 2.64 10.70
C ALA B 43 -40.35 2.36 9.73
N ASP B 44 -41.55 2.22 10.29
CA ASP B 44 -42.77 2.00 9.53
C ASP B 44 -43.88 2.86 10.12
N ILE B 45 -44.30 3.85 9.35
CA ILE B 45 -45.22 4.86 9.84
C ILE B 45 -46.59 4.22 10.14
N ALA B 46 -47.08 3.47 9.17
CA ALA B 46 -48.42 2.91 9.28
C ALA B 46 -48.54 1.91 10.43
N LYS B 47 -47.49 1.12 10.67
CA LYS B 47 -47.46 0.22 11.81
C LYS B 47 -47.03 0.92 13.11
N LYS B 48 -46.58 2.18 13.00
CA LYS B 48 -46.01 2.91 14.14
C LYS B 48 -44.91 2.08 14.79
N GLN B 49 -44.08 1.46 13.95
CA GLN B 49 -42.94 0.69 14.41
CA GLN B 49 -42.94 0.68 14.42
C GLN B 49 -41.77 1.63 14.59
N PRO B 50 -41.21 1.68 15.81
CA PRO B 50 -40.15 2.67 16.04
C PRO B 50 -38.84 2.23 15.41
N VAL B 51 -38.03 3.22 15.06
CA VAL B 51 -36.63 2.97 14.78
C VAL B 51 -35.96 2.47 16.06
N THR B 52 -35.17 1.41 15.94
CA THR B 52 -34.45 0.85 17.06
C THR B 52 -33.01 0.59 16.59
N GLN B 53 -32.19 0.10 17.49
CA GLN B 53 -30.84 -0.31 17.14
C GLN B 53 -30.82 -1.46 16.12
N GLN B 54 -31.96 -2.13 15.96
CA GLN B 54 -32.10 -3.30 15.10
C GLN B 54 -32.70 -3.01 13.74
N THR B 55 -33.07 -1.76 13.50
CA THR B 55 -33.72 -1.39 12.26
C THR B 55 -32.74 -1.39 11.09
N LEU B 56 -33.09 -2.08 10.00
CA LEU B 56 -32.26 -2.04 8.80
C LEU B 56 -32.69 -0.90 7.89
N PHE B 57 -31.71 -0.13 7.43
CA PHE B 57 -31.91 0.95 6.46
C PHE B 57 -31.17 0.60 5.18
N GLU B 58 -31.70 1.08 4.04
CA GLU B 58 -30.93 0.99 2.79
C GLU B 58 -29.79 2.00 2.82
N LEU B 59 -28.56 1.53 2.60
CA LEU B 59 -27.40 2.39 2.61
C LEU B 59 -27.23 3.14 1.31
N GLY B 60 -27.85 2.66 0.24
CA GLY B 60 -27.64 3.28 -1.06
C GLY B 60 -26.16 3.28 -1.42
N SER B 61 -25.68 4.40 -1.94
CA SER B 61 -24.28 4.45 -2.36
C SER B 61 -23.21 4.32 -1.28
N VAL B 62 -23.60 4.38 -0.01
CA VAL B 62 -22.64 4.03 1.02
C VAL B 62 -22.19 2.56 0.86
N SER B 63 -23.01 1.77 0.17
CA SER B 63 -22.63 0.41 -0.20
C SER B 63 -21.30 0.36 -0.93
N LYS B 64 -20.97 1.42 -1.68
CA LYS B 64 -19.70 1.44 -2.42
C LYS B 64 -18.48 1.32 -1.52
N THR B 65 -18.60 1.74 -0.25
CA THR B 65 -17.47 1.59 0.65
C THR B 65 -17.23 0.11 0.95
N PHE B 66 -18.30 -0.67 1.05
CA PHE B 66 -18.14 -2.13 1.24
C PHE B 66 -17.54 -2.72 -0.03
N THR B 67 -17.98 -2.27 -1.20
CA THR B 67 -17.41 -2.81 -2.44
C THR B 67 -15.92 -2.46 -2.55
N GLY B 68 -15.57 -1.22 -2.18
CA GLY B 68 -14.18 -0.81 -2.25
C GLY B 68 -13.30 -1.64 -1.31
N VAL B 69 -13.78 -1.88 -0.09
CA VAL B 69 -13.01 -2.68 0.86
C VAL B 69 -12.93 -4.17 0.42
N LEU B 70 -14.03 -4.72 -0.13
CA LEU B 70 -14.00 -6.09 -0.64
C LEU B 70 -12.98 -6.18 -1.77
N GLY B 71 -12.94 -5.17 -2.65
CA GLY B 71 -11.92 -5.15 -3.68
C GLY B 71 -10.52 -5.04 -3.12
N GLY B 72 -10.36 -4.20 -2.11
CA GLY B 72 -9.08 -4.10 -1.42
C GLY B 72 -8.62 -5.42 -0.84
N ASP B 73 -9.55 -6.14 -0.23
CA ASP B 73 -9.24 -7.47 0.32
C ASP B 73 -8.81 -8.44 -0.78
N ALA B 74 -9.45 -8.38 -1.94
CA ALA B 74 -9.06 -9.22 -3.07
C ALA B 74 -7.66 -8.88 -3.57
N ILE B 75 -7.31 -7.60 -3.57
CA ILE B 75 -5.95 -7.20 -3.95
C ILE B 75 -4.98 -7.77 -2.92
N ALA B 76 -5.31 -7.62 -1.65
CA ALA B 76 -4.43 -8.09 -0.56
C ALA B 76 -4.20 -9.59 -0.63
N ARG B 77 -5.23 -10.33 -1.06
CA ARG B 77 -5.14 -11.79 -1.24
C ARG B 77 -4.37 -12.17 -2.49
N GLY B 78 -4.00 -11.21 -3.32
CA GLY B 78 -3.28 -11.51 -4.55
C GLY B 78 -4.17 -12.04 -5.65
N GLU B 79 -5.49 -11.87 -5.52
CA GLU B 79 -6.46 -12.35 -6.52
C GLU B 79 -6.61 -11.43 -7.72
N ILE B 80 -6.49 -10.12 -7.47
CA ILE B 80 -6.59 -9.11 -8.53
C ILE B 80 -5.52 -8.07 -8.31
N LYS B 81 -5.25 -7.30 -9.37
CA LYS B 81 -4.41 -6.11 -9.27
CA LYS B 81 -4.41 -6.11 -9.27
C LYS B 81 -5.17 -4.96 -9.90
N LEU B 82 -5.09 -3.77 -9.32
CA LEU B 82 -5.80 -2.62 -9.88
C LEU B 82 -5.20 -2.20 -11.21
N SER B 83 -3.95 -2.59 -11.46
CA SER B 83 -3.28 -2.31 -12.72
C SER B 83 -3.71 -3.23 -13.85
N ASP B 84 -4.49 -4.26 -13.55
CA ASP B 84 -4.89 -5.21 -14.59
C ASP B 84 -5.96 -4.65 -15.51
N PRO B 85 -5.89 -4.99 -16.79
CA PRO B 85 -6.97 -4.61 -17.71
C PRO B 85 -8.26 -5.28 -17.30
N THR B 86 -9.36 -4.56 -17.51
CA THR B 86 -10.69 -5.06 -17.25
C THR B 86 -10.88 -6.40 -17.93
N THR B 87 -10.36 -6.53 -19.14
CA THR B 87 -10.59 -7.74 -19.94
C THR B 87 -9.90 -8.97 -19.35
N LYS B 88 -8.93 -8.81 -18.47
CA LYS B 88 -8.29 -9.96 -17.83
C LYS B 88 -9.33 -10.79 -17.03
N TYR B 89 -10.30 -10.10 -16.45
CA TYR B 89 -11.27 -10.74 -15.61
C TYR B 89 -12.61 -10.88 -16.32
N TRP B 90 -12.74 -10.26 -17.49
CA TRP B 90 -13.94 -10.44 -18.32
C TRP B 90 -13.48 -10.66 -19.74
N PRO B 91 -13.06 -11.89 -20.06
CA PRO B 91 -12.43 -12.11 -21.36
C PRO B 91 -13.37 -11.85 -22.52
N GLU B 92 -14.67 -11.97 -22.30
CA GLU B 92 -15.68 -11.70 -23.33
C GLU B 92 -15.78 -10.20 -23.71
N LEU B 93 -15.22 -9.32 -22.89
CA LEU B 93 -15.26 -7.89 -23.14
C LEU B 93 -14.14 -7.50 -24.11
N THR B 94 -14.36 -7.74 -25.39
CA THR B 94 -13.29 -7.65 -26.37
C THR B 94 -13.25 -6.36 -27.18
N ALA B 95 -14.25 -5.49 -27.06
CA ALA B 95 -14.28 -4.32 -27.93
C ALA B 95 -13.10 -3.38 -27.67
N LYS B 96 -12.64 -2.73 -28.72
CA LYS B 96 -11.36 -2.03 -28.69
C LYS B 96 -11.30 -0.86 -27.69
N GLN B 97 -12.45 -0.27 -27.37
CA GLN B 97 -12.43 0.89 -26.47
C GLN B 97 -12.04 0.50 -25.05
N TRP B 98 -12.03 -0.80 -24.75
CA TRP B 98 -11.65 -1.28 -23.41
C TRP B 98 -10.14 -1.45 -23.24
N ASN B 99 -9.41 -1.37 -24.33
CA ASN B 99 -7.96 -1.41 -24.23
C ASN B 99 -7.46 -0.17 -23.48
N GLY B 100 -6.79 -0.40 -22.38
CA GLY B 100 -6.32 0.70 -21.56
C GLY B 100 -7.20 0.98 -20.35
N ILE B 101 -8.36 0.34 -20.25
CA ILE B 101 -9.21 0.58 -19.08
C ILE B 101 -8.95 -0.50 -18.04
N THR B 102 -8.46 -0.08 -16.88
CA THR B 102 -8.04 -1.03 -15.84
C THR B 102 -9.06 -1.12 -14.71
N LEU B 103 -8.87 -2.08 -13.82
CA LEU B 103 -9.74 -2.16 -12.65
C LEU B 103 -9.68 -0.87 -11.82
N LEU B 104 -8.50 -0.24 -11.75
CA LEU B 104 -8.40 1.06 -11.08
C LEU B 104 -9.40 2.03 -11.66
N HIS B 105 -9.43 2.13 -12.98
CA HIS B 105 -10.36 3.09 -13.59
C HIS B 105 -11.80 2.79 -13.22
N LEU B 106 -12.20 1.53 -13.27
CA LEU B 106 -13.56 1.18 -12.90
C LEU B 106 -13.84 1.56 -11.45
N ALA B 107 -12.93 1.20 -10.56
CA ALA B 107 -13.17 1.38 -9.13
C ALA B 107 -13.31 2.86 -8.75
N THR B 108 -12.69 3.76 -9.52
CA THR B 108 -12.55 5.18 -9.14
C THR B 108 -13.28 6.12 -10.11
N TYR B 109 -14.13 5.58 -10.97
CA TYR B 109 -14.99 6.36 -11.87
C TYR B 109 -14.21 7.11 -12.94
N THR B 110 -13.05 6.58 -13.32
CA THR B 110 -12.16 7.26 -14.24
C THR B 110 -11.98 6.53 -15.56
N ALA B 111 -12.91 5.63 -15.89
CA ALA B 111 -12.78 4.89 -17.13
C ALA B 111 -13.02 5.72 -18.38
N GLY B 112 -13.65 6.90 -18.22
CA GLY B 112 -13.89 7.79 -19.33
C GLY B 112 -15.37 8.04 -19.63
N GLY B 113 -16.20 8.11 -18.59
CA GLY B 113 -17.59 8.50 -18.80
C GLY B 113 -18.60 7.36 -18.84
N LEU B 114 -18.35 6.26 -18.13
CA LEU B 114 -19.41 5.30 -17.89
C LEU B 114 -20.55 6.02 -17.16
N PRO B 115 -21.81 5.69 -17.51
CA PRO B 115 -22.95 6.46 -17.01
C PRO B 115 -23.28 6.20 -15.55
N LEU B 116 -23.97 7.16 -14.95
CA LEU B 116 -24.42 7.07 -13.58
C LEU B 116 -25.11 5.75 -13.29
N GLN B 117 -26.07 5.37 -14.12
CA GLN B 117 -26.76 4.11 -13.98
C GLN B 117 -26.58 3.23 -15.19
N VAL B 118 -26.54 1.92 -14.95
CA VAL B 118 -26.78 0.98 -16.03
C VAL B 118 -28.23 1.20 -16.45
N PRO B 119 -28.51 1.27 -17.76
CA PRO B 119 -29.89 1.49 -18.20
C PRO B 119 -30.86 0.47 -17.60
N ASP B 120 -32.08 0.91 -17.26
CA ASP B 120 -33.04 0.06 -16.57
C ASP B 120 -33.39 -1.20 -17.35
N GLU B 121 -33.32 -1.12 -18.67
CA GLU B 121 -33.71 -2.26 -19.51
C GLU B 121 -32.66 -3.37 -19.53
N VAL B 122 -31.47 -3.08 -19.01
CA VAL B 122 -30.43 -4.09 -18.93
C VAL B 122 -30.69 -4.97 -17.74
N LYS B 123 -31.00 -6.23 -18.00
CA LYS B 123 -31.28 -7.14 -16.91
C LYS B 123 -30.34 -8.35 -16.90
N SER B 124 -30.32 -9.06 -18.02
CA SER B 124 -29.63 -10.34 -18.11
C SER B 124 -28.14 -10.16 -18.25
N SER B 125 -27.39 -11.24 -18.08
CA SER B 125 -25.94 -11.19 -18.27
C SER B 125 -25.59 -10.81 -19.70
N SER B 126 -26.37 -11.32 -20.66
CA SER B 126 -26.16 -10.98 -22.06
CA SER B 126 -26.12 -10.98 -22.04
C SER B 126 -26.41 -9.49 -22.29
N ASP B 127 -27.45 -8.95 -21.63
CA ASP B 127 -27.76 -7.52 -21.76
C ASP B 127 -26.57 -6.68 -21.27
N LEU B 128 -25.99 -7.13 -20.17
CA LEU B 128 -24.91 -6.40 -19.54
C LEU B 128 -23.65 -6.41 -20.42
N LEU B 129 -23.31 -7.57 -20.97
CA LEU B 129 -22.21 -7.63 -21.90
C LEU B 129 -22.44 -6.68 -23.08
N ARG B 130 -23.63 -6.73 -23.66
CA ARG B 130 -23.96 -5.89 -24.81
CA ARG B 130 -23.92 -5.90 -24.81
C ARG B 130 -23.77 -4.41 -24.46
N PHE B 131 -24.25 -4.02 -23.30
CA PHE B 131 -24.15 -2.62 -22.86
C PHE B 131 -22.71 -2.17 -22.80
N TYR B 132 -21.85 -2.95 -22.14
CA TYR B 132 -20.45 -2.55 -22.04
C TYR B 132 -19.71 -2.64 -23.36
N GLN B 133 -20.02 -3.66 -24.19
CA GLN B 133 -19.37 -3.75 -25.49
C GLN B 133 -19.73 -2.59 -26.41
N ASN B 134 -20.92 -2.03 -26.24
CA ASN B 134 -21.40 -0.92 -27.06
C ASN B 134 -21.06 0.46 -26.52
N TRP B 135 -20.63 0.54 -25.26
CA TRP B 135 -20.39 1.85 -24.64
C TRP B 135 -19.22 2.51 -25.29
N GLN B 136 -19.36 3.78 -25.63
CA GLN B 136 -18.26 4.53 -26.21
C GLN B 136 -17.88 5.68 -25.29
N PRO B 137 -16.60 5.77 -24.93
CA PRO B 137 -16.20 6.74 -23.90
C PRO B 137 -16.31 8.20 -24.33
N ALA B 138 -16.60 9.04 -23.34
CA ALA B 138 -16.59 10.51 -23.50
C ALA B 138 -15.16 11.05 -23.45
N TRP B 139 -14.25 10.34 -22.76
CA TRP B 139 -12.87 10.81 -22.51
C TRP B 139 -11.96 9.59 -22.50
N ALA B 140 -10.67 9.82 -22.65
CA ALA B 140 -9.66 8.75 -22.50
C ALA B 140 -9.64 8.28 -21.05
N PRO B 141 -9.17 7.07 -20.80
CA PRO B 141 -9.11 6.57 -19.42
C PRO B 141 -8.18 7.41 -18.55
N GLY B 142 -8.52 7.55 -17.28
CA GLY B 142 -7.59 8.17 -16.35
C GLY B 142 -7.47 9.67 -16.48
N THR B 143 -8.50 10.34 -17.01
CA THR B 143 -8.45 11.78 -17.23
C THR B 143 -9.59 12.54 -16.51
N GLN B 144 -10.76 11.93 -16.42
CA GLN B 144 -11.93 12.58 -15.84
C GLN B 144 -12.61 11.63 -14.87
N ARG B 145 -13.01 12.15 -13.72
CA ARG B 145 -13.84 11.43 -12.77
C ARG B 145 -15.30 11.71 -12.99
N LEU B 146 -16.11 10.69 -13.22
CA LEU B 146 -17.54 10.86 -13.34
C LEU B 146 -18.22 9.81 -12.53
N TYR B 147 -18.77 10.20 -11.39
CA TYR B 147 -19.37 9.24 -10.47
C TYR B 147 -20.37 8.36 -11.18
N ALA B 148 -20.25 7.04 -11.00
CA ALA B 148 -21.01 6.10 -11.83
C ALA B 148 -21.18 4.75 -11.18
N ASN B 149 -22.44 4.35 -11.01
CA ASN B 149 -22.74 3.00 -10.55
C ASN B 149 -22.28 1.94 -11.55
N SER B 150 -22.32 2.29 -12.84
CA SER B 150 -21.92 1.34 -13.88
C SER B 150 -20.41 1.11 -13.88
N SER B 151 -19.67 1.97 -13.21
CA SER B 151 -18.24 1.86 -13.15
C SER B 151 -17.81 1.02 -11.93
N ILE B 152 -18.11 1.50 -10.73
CA ILE B 152 -17.73 0.74 -9.54
C ILE B 152 -18.51 -0.57 -9.41
N GLY B 153 -19.72 -0.60 -9.95
CA GLY B 153 -20.49 -1.84 -9.93
C GLY B 153 -19.80 -2.92 -10.73
N LEU B 154 -19.26 -2.56 -11.91
CA LEU B 154 -18.53 -3.55 -12.70
C LEU B 154 -17.25 -3.95 -11.98
N PHE B 155 -16.55 -2.99 -11.36
CA PHE B 155 -15.39 -3.30 -10.55
C PHE B 155 -15.71 -4.40 -9.52
N GLY B 156 -16.81 -4.22 -8.79
CA GLY B 156 -17.15 -5.18 -7.75
C GLY B 156 -17.42 -6.56 -8.33
N ALA B 157 -18.15 -6.63 -9.44
CA ALA B 157 -18.44 -7.91 -10.09
C ALA B 157 -17.16 -8.60 -10.55
N LEU B 158 -16.22 -7.86 -11.08
CA LEU B 158 -14.98 -8.45 -11.58
C LEU B 158 -14.01 -8.80 -10.48
N ALA B 159 -14.04 -8.04 -9.41
CA ALA B 159 -13.07 -8.20 -8.33
C ALA B 159 -13.20 -9.56 -7.66
N VAL B 160 -14.42 -10.09 -7.63
CA VAL B 160 -14.65 -11.36 -6.97
C VAL B 160 -14.51 -12.56 -7.92
N LYS B 161 -14.30 -12.32 -9.21
CA LYS B 161 -14.21 -13.42 -10.16
C LYS B 161 -13.16 -14.47 -9.81
N PRO B 162 -11.92 -14.09 -9.52
CA PRO B 162 -10.91 -15.11 -9.25
C PRO B 162 -11.24 -15.97 -8.05
N SER B 163 -11.96 -15.45 -7.08
CA SER B 163 -12.33 -16.21 -5.89
C SER B 163 -13.32 -17.32 -6.22
N GLY B 164 -14.05 -17.17 -7.33
CA GLY B 164 -15.12 -18.09 -7.66
C GLY B 164 -16.39 -17.93 -6.86
N LEU B 165 -16.37 -17.02 -5.88
CA LEU B 165 -17.56 -16.75 -5.09
C LEU B 165 -18.46 -15.76 -5.79
N SER B 166 -19.76 -15.85 -5.52
CA SER B 166 -20.65 -14.77 -5.91
C SER B 166 -20.28 -13.49 -5.15
N PHE B 167 -20.67 -12.33 -5.69
CA PHE B 167 -20.41 -11.08 -4.98
C PHE B 167 -20.99 -11.11 -3.57
N GLU B 168 -22.22 -11.59 -3.42
CA GLU B 168 -22.84 -11.64 -2.11
C GLU B 168 -22.09 -12.57 -1.15
N GLN B 169 -21.74 -13.78 -1.60
CA GLN B 169 -21.01 -14.68 -0.73
C GLN B 169 -19.63 -14.14 -0.38
N ALA B 170 -18.96 -13.50 -1.34
CA ALA B 170 -17.66 -12.89 -1.05
C ALA B 170 -17.83 -11.80 0.01
N MET B 171 -18.83 -10.93 -0.16
CA MET B 171 -19.04 -9.84 0.78
C MET B 171 -19.37 -10.39 2.17
N GLN B 172 -20.26 -11.39 2.23
CA GLN B 172 -20.65 -11.93 3.54
C GLN B 172 -19.50 -12.58 4.26
N THR B 173 -18.75 -13.41 3.54
CA THR B 173 -17.74 -14.21 4.23
C THR B 173 -16.44 -13.47 4.44
N ARG B 174 -16.16 -12.47 3.59
CA ARG B 174 -14.86 -11.79 3.67
C ARG B 174 -14.90 -10.43 4.37
N VAL B 175 -16.08 -9.83 4.47
CA VAL B 175 -16.20 -8.49 5.04
C VAL B 175 -17.21 -8.51 6.20
N PHE B 176 -18.46 -8.88 5.93
CA PHE B 176 -19.48 -8.75 6.97
C PHE B 176 -19.17 -9.64 8.17
N GLN B 177 -18.90 -10.91 7.90
CA GLN B 177 -18.70 -11.84 9.02
C GLN B 177 -17.45 -11.58 9.87
N PRO B 178 -16.29 -11.34 9.23
CA PRO B 178 -15.15 -11.07 10.11
C PRO B 178 -15.34 -9.85 11.01
N LEU B 179 -16.10 -8.86 10.54
CA LEU B 179 -16.32 -7.65 11.31
C LEU B 179 -17.54 -7.78 12.22
N LYS B 180 -18.15 -8.96 12.23
CA LYS B 180 -19.33 -9.23 13.05
C LYS B 180 -20.48 -8.26 12.74
N LEU B 181 -20.67 -7.99 11.47
CA LEU B 181 -21.83 -7.23 11.00
C LEU B 181 -22.98 -8.20 10.81
N ASN B 182 -23.64 -8.55 11.91
CA ASN B 182 -24.58 -9.67 11.94
C ASN B 182 -26.01 -9.33 11.50
N HIS B 183 -26.23 -8.06 11.18
CA HIS B 183 -27.54 -7.59 10.72
C HIS B 183 -27.36 -6.71 9.49
N THR B 184 -26.44 -7.13 8.63
CA THR B 184 -26.11 -6.42 7.40
C THR B 184 -26.27 -7.39 6.24
N TRP B 185 -26.98 -6.98 5.21
CA TRP B 185 -27.40 -7.88 4.13
C TRP B 185 -27.43 -7.17 2.79
N ILE B 186 -27.06 -7.89 1.75
CA ILE B 186 -27.39 -7.48 0.39
C ILE B 186 -28.82 -7.89 0.03
N ASN B 187 -29.20 -9.10 0.43
CA ASN B 187 -30.56 -9.58 0.30
C ASN B 187 -31.11 -9.83 1.69
N VAL B 188 -32.11 -9.06 2.09
CA VAL B 188 -32.63 -9.17 3.46
C VAL B 188 -33.44 -10.45 3.58
N PRO B 189 -33.07 -11.34 4.52
CA PRO B 189 -33.75 -12.63 4.62
C PRO B 189 -35.08 -12.47 5.37
N PRO B 190 -35.97 -13.49 5.24
CA PRO B 190 -37.29 -13.38 5.86
C PRO B 190 -37.24 -13.02 7.35
N ALA B 191 -36.30 -13.57 8.12
CA ALA B 191 -36.22 -13.32 9.56
C ALA B 191 -35.96 -11.83 9.87
N GLU B 192 -35.37 -11.09 8.94
CA GLU B 192 -35.06 -9.69 9.17
C GLU B 192 -36.11 -8.76 8.57
N GLU B 193 -37.07 -9.29 7.84
CA GLU B 193 -38.05 -8.42 7.19
C GLU B 193 -38.79 -7.50 8.16
N LYS B 194 -39.10 -8.03 9.34
CA LYS B 194 -39.80 -7.23 10.37
C LYS B 194 -38.99 -6.02 10.84
N ASN B 195 -37.67 -6.07 10.64
CA ASN B 195 -36.78 -5.00 11.04
C ASN B 195 -36.38 -4.08 9.91
N TYR B 196 -36.80 -4.40 8.69
CA TYR B 196 -36.41 -3.63 7.51
C TYR B 196 -37.30 -2.41 7.39
N ALA B 197 -36.73 -1.24 7.64
CA ALA B 197 -37.52 -0.01 7.57
C ALA B 197 -38.08 0.18 6.16
N TRP B 198 -39.23 0.83 6.05
CA TRP B 198 -39.69 1.35 4.78
C TRP B 198 -39.01 2.67 4.48
N GLY B 199 -38.68 2.90 3.21
CA GLY B 199 -38.29 4.24 2.80
C GLY B 199 -39.52 5.01 2.42
N TYR B 200 -39.42 6.33 2.45
CA TYR B 200 -40.59 7.13 2.11
C TYR B 200 -40.22 8.14 1.04
N ARG B 201 -40.94 8.08 -0.06
CA ARG B 201 -40.69 8.96 -1.19
C ARG B 201 -42.04 9.53 -1.59
N GLU B 202 -42.17 10.85 -1.47
CA GLU B 202 -43.44 11.52 -1.71
C GLU B 202 -44.53 10.87 -0.87
N GLY B 203 -44.20 10.55 0.38
CA GLY B 203 -45.14 9.98 1.31
C GLY B 203 -45.52 8.52 1.09
N LYS B 204 -44.93 7.89 0.06
CA LYS B 204 -45.21 6.48 -0.24
C LYS B 204 -44.10 5.58 0.31
N ALA B 205 -44.50 4.49 0.95
CA ALA B 205 -43.54 3.50 1.43
C ALA B 205 -42.92 2.74 0.26
N VAL B 206 -41.59 2.78 0.18
CA VAL B 206 -40.84 2.15 -0.92
C VAL B 206 -39.57 1.44 -0.48
N HIS B 207 -39.20 0.39 -1.20
CA HIS B 207 -37.93 -0.26 -1.03
C HIS B 207 -37.23 -0.22 -2.37
N VAL B 208 -35.91 -0.30 -2.36
CA VAL B 208 -35.16 -0.22 -3.61
C VAL B 208 -35.52 -1.38 -4.55
N SER B 209 -35.61 -1.09 -5.84
CA SER B 209 -35.96 -2.07 -6.87
C SER B 209 -34.72 -2.82 -7.37
N PRO B 210 -34.89 -4.08 -7.81
CA PRO B 210 -33.76 -4.79 -8.42
C PRO B 210 -33.25 -4.05 -9.66
N GLY B 211 -31.95 -4.08 -9.86
CA GLY B 211 -31.32 -3.53 -11.04
C GLY B 211 -29.97 -4.16 -11.28
N ALA B 212 -29.47 -4.03 -12.51
CA ALA B 212 -28.17 -4.60 -12.82
C ALA B 212 -27.08 -4.00 -11.93
N LEU B 213 -26.23 -4.85 -11.38
CA LEU B 213 -25.10 -4.44 -10.56
C LEU B 213 -25.57 -3.66 -9.32
N ASP B 214 -26.79 -3.92 -8.87
CA ASP B 214 -27.30 -3.26 -7.68
C ASP B 214 -26.53 -3.60 -6.41
N ALA B 215 -26.24 -4.87 -6.21
CA ALA B 215 -25.54 -5.30 -5.02
C ALA B 215 -24.22 -4.57 -4.89
N GLU B 216 -23.54 -4.43 -6.02
CA GLU B 216 -22.19 -3.88 -6.06
C GLU B 216 -22.15 -2.35 -5.88
N ALA B 217 -23.22 -1.65 -6.29
CA ALA B 217 -23.19 -0.20 -6.28
C ALA B 217 -24.06 0.46 -5.21
N TYR B 218 -25.16 -0.19 -4.83
CA TYR B 218 -26.08 0.49 -3.93
C TYR B 218 -26.96 -0.42 -3.11
N GLY B 219 -26.54 -1.67 -2.94
CA GLY B 219 -27.47 -2.68 -2.45
C GLY B 219 -27.35 -3.22 -1.04
N VAL B 220 -26.53 -2.60 -0.20
CA VAL B 220 -26.42 -3.06 1.19
C VAL B 220 -27.48 -2.43 2.09
N LYS B 221 -28.05 -3.24 2.96
CA LYS B 221 -28.91 -2.78 4.05
C LYS B 221 -28.26 -3.10 5.37
N SER B 222 -28.33 -2.17 6.33
CA SER B 222 -27.65 -2.38 7.59
C SER B 222 -28.31 -1.63 8.73
N THR B 223 -27.95 -1.99 9.96
CA THR B 223 -28.46 -1.32 11.16
C THR B 223 -27.47 -0.27 11.64
N ILE B 224 -27.93 0.60 12.54
CA ILE B 224 -27.05 1.62 13.06
C ILE B 224 -25.90 1.01 13.89
N GLU B 225 -26.15 -0.12 14.53
CA GLU B 225 -25.12 -0.77 15.31
C GLU B 225 -24.04 -1.37 14.41
N ASP B 226 -24.46 -2.02 13.34
CA ASP B 226 -23.48 -2.59 12.40
C ASP B 226 -22.72 -1.46 11.72
N MET B 227 -23.40 -0.37 11.37
CA MET B 227 -22.70 0.73 10.72
C MET B 227 -21.72 1.41 11.65
N ALA B 228 -22.02 1.46 12.96
CA ALA B 228 -21.05 1.98 13.91
C ALA B 228 -19.81 1.08 13.92
N ARG B 229 -20.01 -0.23 13.86
CA ARG B 229 -18.88 -1.15 13.80
C ARG B 229 -18.10 -0.99 12.50
N TRP B 230 -18.81 -0.73 11.40
CA TRP B 230 -18.14 -0.46 10.13
C TRP B 230 -17.25 0.78 10.23
N VAL B 231 -17.75 1.84 10.86
CA VAL B 231 -16.91 3.02 11.09
C VAL B 231 -15.73 2.71 11.98
N GLN B 232 -15.95 1.97 13.07
CA GLN B 232 -14.85 1.61 13.95
C GLN B 232 -13.77 0.85 13.20
N SER B 233 -14.19 -0.03 12.30
CA SER B 233 -13.25 -0.88 11.57
C SER B 233 -12.44 -0.04 10.59
N ASN B 234 -13.08 0.94 9.98
CA ASN B 234 -12.39 1.82 9.04
C ASN B 234 -11.55 2.90 9.73
N LEU B 235 -11.92 3.26 10.96
CA LEU B 235 -11.10 4.16 11.77
C LEU B 235 -9.82 3.50 12.24
N LYS B 236 -9.92 2.21 12.60
CA LYS B 236 -8.82 1.48 13.26
C LYS B 236 -8.64 0.11 12.61
N PRO B 237 -8.19 0.10 11.36
CA PRO B 237 -8.07 -1.21 10.70
C PRO B 237 -7.03 -2.14 11.34
N LEU B 238 -6.05 -1.62 12.06
CA LEU B 238 -5.03 -2.49 12.66
C LEU B 238 -5.60 -3.37 13.76
N ASP B 239 -6.81 -3.08 14.22
CA ASP B 239 -7.42 -3.92 15.24
C ASP B 239 -8.09 -5.13 14.64
N ILE B 240 -8.23 -5.13 13.32
CA ILE B 240 -8.87 -6.24 12.63
C ILE B 240 -7.92 -7.43 12.52
N ASN B 241 -8.36 -8.62 12.92
CA ASN B 241 -7.46 -9.77 12.99
C ASN B 241 -7.15 -10.41 11.66
N GLU B 242 -8.10 -10.33 10.73
CA GLU B 242 -7.94 -10.91 9.40
C GLU B 242 -7.04 -10.02 8.57
N LYS B 243 -5.85 -10.53 8.22
CA LYS B 243 -4.80 -9.72 7.63
C LYS B 243 -5.18 -9.08 6.32
N THR B 244 -5.80 -9.85 5.43
CA THR B 244 -6.11 -9.27 4.12
C THR B 244 -7.23 -8.24 4.23
N LEU B 245 -8.12 -8.37 5.21
CA LEU B 245 -9.21 -7.42 5.38
C LEU B 245 -8.67 -6.13 5.97
N GLN B 246 -7.74 -6.25 6.92
CA GLN B 246 -7.05 -5.09 7.46
C GLN B 246 -6.35 -4.34 6.31
N GLN B 247 -5.67 -5.08 5.44
CA GLN B 247 -5.00 -4.45 4.31
C GLN B 247 -6.02 -3.85 3.33
N GLY B 248 -7.11 -4.55 3.08
CA GLY B 248 -8.13 -4.06 2.17
C GLY B 248 -8.72 -2.73 2.63
N ILE B 249 -8.98 -2.60 3.93
CA ILE B 249 -9.49 -1.36 4.47
C ILE B 249 -8.48 -0.25 4.24
N GLN B 250 -7.20 -0.53 4.45
CA GLN B 250 -6.19 0.46 4.21
C GLN B 250 -6.11 0.85 2.74
N LEU B 251 -6.21 -0.12 1.82
CA LEU B 251 -6.12 0.18 0.40
C LEU B 251 -7.31 1.04 -0.06
N ALA B 252 -8.49 0.85 0.56
CA ALA B 252 -9.68 1.60 0.14
C ALA B 252 -9.56 3.08 0.55
N GLN B 253 -8.72 3.38 1.54
CA GLN B 253 -8.48 4.77 1.95
C GLN B 253 -7.20 5.35 1.35
N SER B 254 -6.54 4.59 0.48
CA SER B 254 -5.42 5.18 -0.24
C SER B 254 -5.94 6.24 -1.23
N ARG B 255 -5.10 7.21 -1.53
CA ARG B 255 -5.50 8.33 -2.39
C ARG B 255 -4.98 8.08 -3.80
N TYR B 256 -5.89 7.78 -4.74
CA TYR B 256 -5.50 7.39 -6.10
C TYR B 256 -5.54 8.55 -7.09
N TRP B 257 -6.47 9.49 -6.87
CA TRP B 257 -6.71 10.63 -7.76
C TRP B 257 -7.05 11.81 -6.91
N GLN B 258 -6.73 12.99 -7.41
CA GLN B 258 -7.14 14.23 -6.74
C GLN B 258 -7.95 15.07 -7.73
N THR B 259 -9.04 15.63 -7.24
CA THR B 259 -9.76 16.71 -7.92
C THR B 259 -10.07 17.78 -6.89
N GLY B 260 -9.62 19.00 -7.14
CA GLY B 260 -9.79 20.04 -6.14
C GLY B 260 -9.15 19.61 -4.82
N ASP B 261 -9.90 19.70 -3.73
CA ASP B 261 -9.37 19.31 -2.43
C ASP B 261 -9.78 17.91 -2.04
N MET B 262 -10.36 17.15 -2.96
CA MET B 262 -10.80 15.79 -2.67
CA MET B 262 -10.75 15.78 -2.61
C MET B 262 -9.92 14.72 -3.32
N TYR B 263 -9.82 13.60 -2.64
CA TYR B 263 -9.06 12.45 -3.11
C TYR B 263 -9.98 11.27 -3.20
N GLN B 264 -9.87 10.55 -4.30
CA GLN B 264 -10.69 9.36 -4.48
C GLN B 264 -9.99 8.10 -3.99
N GLY B 265 -10.66 7.38 -3.10
CA GLY B 265 -10.21 6.05 -2.68
C GLY B 265 -11.02 5.00 -3.40
N LEU B 266 -11.10 3.82 -2.80
CA LEU B 266 -11.98 2.76 -3.32
C LEU B 266 -13.27 2.85 -2.56
N GLY B 267 -14.29 3.47 -3.16
CA GLY B 267 -15.55 3.73 -2.48
C GLY B 267 -15.48 5.00 -1.60
N TRP B 268 -14.61 5.00 -0.59
CA TRP B 268 -14.40 6.18 0.22
C TRP B 268 -13.86 7.34 -0.59
N GLU B 269 -14.21 8.54 -0.15
CA GLU B 269 -13.57 9.78 -0.60
C GLU B 269 -12.96 10.45 0.61
N MET B 270 -11.88 11.21 0.40
CA MET B 270 -11.11 11.73 1.53
C MET B 270 -10.69 13.17 1.25
N LEU B 271 -10.57 13.95 2.30
CA LEU B 271 -9.98 15.29 2.22
C LEU B 271 -9.01 15.39 3.39
N ASP B 272 -8.00 16.24 3.27
CA ASP B 272 -7.15 16.51 4.43
C ASP B 272 -7.94 17.13 5.58
N TRP B 273 -7.65 16.73 6.81
CA TRP B 273 -8.21 17.36 8.00
C TRP B 273 -7.15 18.29 8.59
N PRO B 274 -7.55 19.52 9.00
CA PRO B 274 -8.91 20.06 9.02
C PRO B 274 -9.40 20.38 7.62
N VAL B 275 -10.69 20.21 7.45
CA VAL B 275 -11.31 20.37 6.16
C VAL B 275 -12.01 21.72 6.16
N ASN B 276 -12.19 22.26 4.97
CA ASN B 276 -13.05 23.42 4.81
C ASN B 276 -14.50 22.97 4.73
N PRO B 277 -15.32 23.29 5.75
CA PRO B 277 -16.69 22.73 5.72
C PRO B 277 -17.50 23.16 4.50
N ASP B 278 -17.31 24.37 4.01
CA ASP B 278 -18.09 24.78 2.86
C ASP B 278 -17.77 23.91 1.66
N SER B 279 -16.52 23.49 1.58
CA SER B 279 -16.10 22.62 0.48
C SER B 279 -16.83 21.27 0.48
N ILE B 280 -16.86 20.60 1.62
CA ILE B 280 -17.55 19.32 1.67
C ILE B 280 -19.07 19.44 1.65
N ILE B 281 -19.59 20.51 2.24
CA ILE B 281 -21.03 20.72 2.22
C ILE B 281 -21.49 21.03 0.80
N ASN B 282 -20.92 22.06 0.20
CA ASN B 282 -21.29 22.40 -1.17
C ASN B 282 -20.93 21.30 -2.15
N GLY B 283 -19.79 20.67 -1.95
CA GLY B 283 -19.35 19.64 -2.87
C GLY B 283 -20.21 18.40 -2.87
N SER B 284 -21.04 18.24 -1.83
CA SER B 284 -21.88 17.05 -1.70
C SER B 284 -23.18 17.21 -2.50
N ASP B 285 -23.51 18.43 -2.90
CA ASP B 285 -24.68 18.65 -3.74
C ASP B 285 -24.49 17.89 -5.03
N ASN B 286 -25.52 17.17 -5.46
CA ASN B 286 -25.39 16.35 -6.67
C ASN B 286 -25.00 17.12 -7.92
N LYS B 287 -25.31 18.42 -7.97
CA LYS B 287 -24.90 19.19 -9.15
C LYS B 287 -23.36 19.23 -9.31
N ILE B 288 -22.65 19.10 -8.19
CA ILE B 288 -21.19 19.00 -8.21
C ILE B 288 -20.77 17.54 -8.13
N ALA B 289 -21.33 16.79 -7.20
CA ALA B 289 -20.87 15.44 -6.92
C ALA B 289 -21.03 14.50 -8.11
N LEU B 290 -22.03 14.74 -8.96
CA LEU B 290 -22.30 13.85 -10.09
C LEU B 290 -21.76 14.43 -11.41
N ALA B 291 -21.08 15.56 -11.35
CA ALA B 291 -20.50 16.18 -12.55
C ALA B 291 -19.08 15.69 -12.84
N ALA B 292 -18.69 15.70 -14.10
CA ALA B 292 -17.33 15.33 -14.44
C ALA B 292 -16.32 16.32 -13.92
N ARG B 293 -15.18 15.83 -13.45
CA ARG B 293 -14.11 16.71 -12.99
C ARG B 293 -12.79 16.13 -13.44
N PRO B 294 -11.85 16.95 -13.88
CA PRO B 294 -10.54 16.46 -14.28
C PRO B 294 -9.78 15.95 -13.07
N VAL B 295 -9.07 14.84 -13.22
CA VAL B 295 -8.31 14.29 -12.11
C VAL B 295 -6.84 14.30 -12.39
N LYS B 296 -6.07 14.45 -11.31
CA LYS B 296 -4.63 14.26 -11.36
C LYS B 296 -4.32 12.92 -10.71
N ALA B 297 -3.59 12.08 -11.41
CA ALA B 297 -3.16 10.80 -10.84
C ALA B 297 -2.21 11.06 -9.70
N ILE B 298 -2.38 10.30 -8.63
CA ILE B 298 -1.42 10.33 -7.54
CA ILE B 298 -1.43 10.33 -7.53
C ILE B 298 -0.53 9.12 -7.72
N THR B 299 0.69 9.38 -8.18
CA THR B 299 1.58 8.34 -8.70
C THR B 299 2.84 8.24 -7.86
N PRO B 300 2.93 7.25 -6.97
CA PRO B 300 1.97 6.19 -6.67
C PRO B 300 0.95 6.70 -5.64
N PRO B 301 -0.12 5.94 -5.41
CA PRO B 301 -1.14 6.41 -4.47
C PRO B 301 -0.60 6.60 -3.07
N THR B 302 -1.12 7.60 -2.39
CA THR B 302 -0.70 7.87 -1.03
C THR B 302 -1.40 6.89 -0.09
N PRO B 303 -0.65 6.25 0.81
CA PRO B 303 -1.31 5.35 1.75
C PRO B 303 -2.25 6.13 2.65
N ALA B 304 -3.23 5.44 3.18
CA ALA B 304 -4.25 6.07 4.02
C ALA B 304 -3.68 7.10 5.00
N VAL B 305 -4.18 8.32 4.91
CA VAL B 305 -3.72 9.43 5.72
C VAL B 305 -4.59 9.53 6.97
N ARG B 306 -4.00 9.43 8.14
CA ARG B 306 -4.80 9.44 9.36
C ARG B 306 -5.51 10.79 9.56
N ALA B 307 -4.85 11.88 9.23
CA ALA B 307 -5.46 13.20 9.36
C ALA B 307 -6.30 13.53 8.13
N SER B 308 -7.39 12.79 7.98
CA SER B 308 -8.32 12.94 6.86
C SER B 308 -9.72 13.00 7.39
N TRP B 309 -10.56 13.71 6.65
CA TRP B 309 -12.02 13.55 6.69
C TRP B 309 -12.34 12.52 5.62
N VAL B 310 -12.82 11.36 6.05
CA VAL B 310 -13.12 10.27 5.14
C VAL B 310 -14.64 10.10 5.15
N HIS B 311 -15.28 10.06 3.97
CA HIS B 311 -16.74 10.10 3.99
C HIS B 311 -17.38 9.52 2.75
N LYS B 312 -18.69 9.29 2.85
CA LYS B 312 -19.47 8.87 1.70
C LYS B 312 -20.94 9.17 1.96
N THR B 313 -21.60 9.76 0.97
CA THR B 313 -23.05 9.92 1.01
C THR B 313 -23.71 8.74 0.29
N GLY B 314 -24.95 8.44 0.65
CA GLY B 314 -25.69 7.37 0.01
C GLY B 314 -27.16 7.69 -0.13
N ALA B 315 -27.78 7.24 -1.20
CA ALA B 315 -29.22 7.42 -1.35
C ALA B 315 -29.84 6.28 -2.11
N THR B 316 -31.09 5.99 -1.78
CA THR B 316 -31.98 5.25 -2.67
C THR B 316 -33.22 6.11 -2.79
N GLY B 317 -34.25 5.62 -3.46
CA GLY B 317 -35.45 6.41 -3.63
C GLY B 317 -36.05 6.84 -2.32
N GLY B 318 -36.00 5.97 -1.32
CA GLY B 318 -36.62 6.23 -0.04
C GLY B 318 -35.70 6.46 1.13
N PHE B 319 -34.37 6.47 0.94
CA PHE B 319 -33.46 6.55 2.07
C PHE B 319 -32.30 7.49 1.78
N GLY B 320 -31.74 8.07 2.83
CA GLY B 320 -30.55 8.91 2.69
C GLY B 320 -29.62 8.61 3.85
N SER B 321 -28.38 8.32 3.50
CA SER B 321 -27.39 7.93 4.49
CA SER B 321 -27.37 7.92 4.47
C SER B 321 -26.13 8.78 4.36
N TYR B 322 -25.35 8.83 5.43
CA TYR B 322 -24.07 9.51 5.39
C TYR B 322 -23.17 8.92 6.44
N VAL B 323 -21.89 8.75 6.08
CA VAL B 323 -20.89 8.30 7.03
CA VAL B 323 -20.90 8.31 7.04
C VAL B 323 -19.67 9.20 6.88
N ALA B 324 -19.12 9.65 8.00
CA ALA B 324 -17.87 10.42 7.96
C ALA B 324 -17.04 10.07 9.17
N PHE B 325 -15.73 10.07 9.01
CA PHE B 325 -14.86 9.78 10.16
C PHE B 325 -13.49 10.39 9.97
N ILE B 326 -12.80 10.59 11.09
CA ILE B 326 -11.48 11.21 11.08
C ILE B 326 -10.54 10.28 11.85
N PRO B 327 -9.75 9.47 11.15
CA PRO B 327 -8.99 8.42 11.88
C PRO B 327 -8.08 8.96 12.98
N GLU B 328 -7.40 10.08 12.74
CA GLU B 328 -6.49 10.64 13.75
C GLU B 328 -7.20 10.98 15.06
N LYS B 329 -8.48 11.29 14.98
CA LYS B 329 -9.23 11.72 16.15
C LYS B 329 -10.10 10.62 16.75
N GLU B 330 -10.09 9.44 16.14
CA GLU B 330 -10.92 8.31 16.59
C GLU B 330 -12.38 8.72 16.69
N LEU B 331 -12.81 9.49 15.69
CA LEU B 331 -14.10 10.16 15.75
C LEU B 331 -14.87 9.87 14.47
N GLY B 332 -16.16 9.57 14.58
CA GLY B 332 -16.94 9.39 13.36
C GLY B 332 -18.43 9.47 13.61
N ILE B 333 -19.19 9.44 12.52
CA ILE B 333 -20.63 9.54 12.62
C ILE B 333 -21.27 8.74 11.50
N VAL B 334 -22.42 8.15 11.81
CA VAL B 334 -23.26 7.52 10.80
C VAL B 334 -24.65 8.11 10.96
N MET B 335 -25.26 8.50 9.85
CA MET B 335 -26.63 9.03 9.89
C MET B 335 -27.45 8.24 8.89
N LEU B 336 -28.48 7.52 9.37
CA LEU B 336 -29.35 6.72 8.52
C LEU B 336 -30.77 7.25 8.63
N ALA B 337 -31.36 7.59 7.50
CA ALA B 337 -32.74 8.09 7.48
C ALA B 337 -33.56 7.38 6.43
N ASN B 338 -34.86 7.23 6.69
CA ASN B 338 -35.72 6.60 5.71
C ASN B 338 -36.49 7.64 4.91
N LYS B 339 -35.76 8.69 4.56
CA LYS B 339 -36.15 9.62 3.50
C LYS B 339 -34.87 10.10 2.83
N ASN B 340 -34.89 10.24 1.51
CA ASN B 340 -33.77 10.84 0.74
C ASN B 340 -33.82 12.36 0.74
N TYR B 341 -33.15 12.96 1.71
CA TYR B 341 -33.13 14.40 1.88
C TYR B 341 -31.77 14.97 1.41
N PRO B 342 -31.69 16.28 1.13
CA PRO B 342 -30.51 16.75 0.40
C PRO B 342 -29.15 16.52 1.06
N ASN B 343 -28.18 16.10 0.27
CA ASN B 343 -26.84 15.86 0.77
C ASN B 343 -26.23 16.97 1.60
N PRO B 344 -26.35 18.24 1.16
CA PRO B 344 -25.64 19.27 1.93
C PRO B 344 -26.17 19.37 3.36
N ALA B 345 -27.45 19.10 3.56
CA ALA B 345 -27.99 19.12 4.91
C ALA B 345 -27.39 18.01 5.77
N ARG B 346 -27.11 16.84 5.17
CA ARG B 346 -26.46 15.73 5.90
C ARG B 346 -25.05 16.12 6.32
N VAL B 347 -24.29 16.65 5.37
CA VAL B 347 -22.89 16.94 5.61
C VAL B 347 -22.76 18.09 6.61
N ASP B 348 -23.64 19.09 6.47
CA ASP B 348 -23.62 20.19 7.41
C ASP B 348 -23.84 19.70 8.86
N ALA B 349 -24.83 18.81 9.05
CA ALA B 349 -25.11 18.31 10.38
C ALA B 349 -23.94 17.49 10.92
N ALA B 350 -23.37 16.63 10.08
CA ALA B 350 -22.23 15.81 10.47
C ALA B 350 -21.05 16.67 10.86
N TRP B 351 -20.77 17.70 10.06
CA TRP B 351 -19.69 18.68 10.34
CA TRP B 351 -19.64 18.54 10.38
C TRP B 351 -19.89 19.31 11.70
N GLN B 352 -21.12 19.79 11.95
CA GLN B 352 -21.37 20.48 13.21
CA GLN B 352 -21.35 20.48 13.21
C GLN B 352 -21.08 19.58 14.40
N ILE B 353 -21.47 18.32 14.28
CA ILE B 353 -21.30 17.39 15.38
C ILE B 353 -19.84 17.04 15.53
N LEU B 354 -19.18 16.62 14.46
CA LEU B 354 -17.78 16.20 14.63
C LEU B 354 -16.88 17.38 14.97
N ASN B 355 -17.16 18.56 14.42
CA ASN B 355 -16.30 19.70 14.72
C ASN B 355 -16.44 20.09 16.20
N ALA B 356 -17.63 19.92 16.76
CA ALA B 356 -17.83 20.22 18.18
C ALA B 356 -17.05 19.25 19.05
N LEU B 357 -16.91 18.01 18.61
CA LEU B 357 -16.34 16.98 19.46
C LEU B 357 -14.86 16.76 19.25
N GLN B 358 -14.32 17.28 18.16
CA GLN B 358 -12.91 17.11 17.83
C GLN B 358 -12.02 17.81 18.84
C01 1U3 C . 26.85 -2.82 -7.65
C02 1U3 C . 27.22 -1.71 -6.70
C03 1U3 C . 28.48 -1.44 -6.15
C04 1U3 C . 28.31 -0.33 -5.32
N05 1U3 C . 27.03 0.04 -5.36
O06 1U3 C . 26.36 -0.80 -6.20
C07 1U3 C . 29.28 0.32 -4.58
C08 1U3 C . 29.47 0.05 -3.23
C09 1U3 C . 30.44 0.74 -2.53
C10 1U3 C . 31.22 1.71 -3.16
C11 1U3 C . 31.01 1.98 -4.52
C12 1U3 C . 30.04 1.29 -5.22
CL1 1U3 C . 29.77 1.60 -6.91
C14 1U3 C . 29.79 -2.17 -6.38
O15 1U3 C . 29.96 -2.88 -7.38
N16 1U3 C . 30.86 -2.01 -5.44
C17 1U3 C . 32.14 -2.65 -5.59
C18 1U3 C . 33.29 -1.74 -5.28
O19 1U3 C . 33.06 -0.64 -4.69
O20 1U3 C . 34.46 -2.06 -5.61
P PO4 D . 30.00 28.29 -4.62
O1 PO4 D . 29.96 29.65 -3.95
O2 PO4 D . 31.43 27.82 -4.53
O3 PO4 D . 29.18 27.25 -3.90
O4 PO4 D . 29.59 28.41 -6.07
P PO4 E . 20.34 17.34 0.65
O1 PO4 E . 21.57 18.19 0.75
O2 PO4 E . 19.15 18.22 0.38
O3 PO4 E . 20.13 16.58 1.94
O4 PO4 E . 20.51 16.36 -0.49
P PO4 F . 29.92 -23.56 12.44
O1 PO4 F . 29.51 -22.43 13.36
O2 PO4 F . 29.11 -23.47 11.16
O3 PO4 F . 29.64 -24.92 13.09
O4 PO4 F . 31.41 -23.44 12.16
C01 1U3 G . -26.54 9.61 -6.44
C02 1U3 G . -26.92 8.16 -6.64
C03 1U3 G . -28.19 7.60 -6.60
C04 1U3 G . -28.04 6.22 -6.84
N05 1U3 G . -26.72 5.98 -7.03
O06 1U3 G . -26.04 7.17 -6.91
C07 1U3 G . -29.03 5.22 -6.93
C08 1U3 G . -29.39 4.39 -5.87
C09 1U3 G . -30.37 3.42 -6.04
C10 1U3 G . -30.99 3.27 -7.28
C11 1U3 G . -30.62 4.09 -8.34
C12 1U3 G . -29.64 5.05 -8.15
CL1 1U3 G . -29.16 6.10 -9.45
C14 1U3 G . -29.49 8.33 -6.33
O15 1U3 G . -29.57 9.54 -6.41
N16 1U3 G . -30.64 7.59 -5.95
C17 1U3 G . -31.90 8.24 -5.71
C18 1U3 G . -33.00 7.44 -6.32
O19 1U3 G . -34.20 7.85 -6.31
O20 1U3 G . -32.69 6.33 -6.86
P PO4 H . -19.70 -10.04 -15.35
O1 PO4 H . -19.87 -8.54 -15.50
O2 PO4 H . -18.37 -10.48 -15.92
O3 PO4 H . -19.78 -10.40 -13.89
O4 PO4 H . -20.81 -10.74 -16.08
#